data_7LXK
#
_entry.id   7LXK
#
_entity_poly.entity_id   1
_entity_poly.type   'polypeptide(L)'
_entity_poly.pdbx_seq_one_letter_code
;GKSSPYQKKTENPCAQRCLQSCQQEPDDLKQKACESRCTKLEYDPRCVYDPRGHTGTTN
;
_entity_poly.pdbx_strand_id   A
#
# COMPACT_ATOMS: atom_id res chain seq x y z
N GLY A 1 -15.56 -8.81 -17.48
CA GLY A 1 -14.29 -9.11 -16.75
C GLY A 1 -13.49 -10.13 -17.53
N LYS A 2 -13.94 -11.39 -17.53
CA LYS A 2 -13.27 -12.46 -18.25
C LYS A 2 -13.23 -12.17 -19.75
N SER A 3 -14.35 -11.64 -20.27
CA SER A 3 -14.48 -11.34 -21.69
C SER A 3 -13.43 -10.31 -22.14
N SER A 4 -13.18 -9.30 -21.29
CA SER A 4 -12.20 -8.25 -21.63
C SER A 4 -10.95 -8.35 -20.72
N PRO A 5 -9.81 -8.92 -21.20
CA PRO A 5 -8.55 -9.02 -20.38
C PRO A 5 -7.80 -7.68 -20.29
N TYR A 6 -6.96 -7.55 -19.27
CA TYR A 6 -6.16 -6.33 -19.08
C TYR A 6 -4.66 -6.64 -19.17
N GLN A 7 -3.91 -5.75 -19.84
CA GLN A 7 -2.46 -5.92 -20.01
C GLN A 7 -1.74 -5.88 -18.67
N LYS A 8 -2.19 -4.99 -17.78
CA LYS A 8 -1.56 -4.83 -16.47
C LYS A 8 -2.60 -4.47 -15.39
N LYS A 9 -2.24 -4.75 -14.14
CA LYS A 9 -3.13 -4.47 -13.01
C LYS A 9 -2.77 -3.13 -12.37
N THR A 10 -3.77 -2.24 -12.25
CA THR A 10 -3.56 -0.94 -11.64
C THR A 10 -4.03 -0.96 -10.19
N GLU A 11 -3.09 -1.24 -9.29
CA GLU A 11 -3.37 -1.30 -7.84
C GLU A 11 -2.08 -1.64 -7.09
N ASN A 12 -1.08 -0.76 -7.22
CA ASN A 12 0.22 -0.97 -6.57
C ASN A 12 0.03 -1.09 -5.05
N PRO A 13 0.66 -2.07 -4.36
CA PRO A 13 0.52 -2.22 -2.88
C PRO A 13 1.39 -1.20 -2.12
N CYS A 14 1.23 0.09 -2.47
CA CYS A 14 1.98 1.16 -1.80
C CYS A 14 1.62 1.21 -0.33
N ALA A 15 0.34 1.02 -0.02
CA ALA A 15 -0.12 1.04 1.37
C ALA A 15 0.58 -0.04 2.16
N GLN A 16 0.73 -1.21 1.54
CA GLN A 16 1.47 -2.30 2.15
C GLN A 16 2.94 -1.88 2.34
N ARG A 17 3.47 -1.13 1.36
CA ARG A 17 4.86 -0.66 1.41
C ARG A 17 5.05 0.27 2.60
N CYS A 18 4.12 1.23 2.75
CA CYS A 18 4.17 2.17 3.86
C CYS A 18 4.05 1.42 5.19
N LEU A 19 3.12 0.47 5.23
CA LEU A 19 2.91 -0.34 6.44
C LEU A 19 4.20 -1.04 6.83
N GLN A 20 4.90 -1.62 5.84
CA GLN A 20 6.17 -2.30 6.08
C GLN A 20 7.19 -1.29 6.65
N SER A 21 7.19 -0.09 6.07
CA SER A 21 8.10 0.98 6.52
C SER A 21 7.83 1.36 7.96
N CYS A 22 6.54 1.47 8.30
CA CYS A 22 6.11 1.83 9.64
C CYS A 22 6.53 0.77 10.66
N GLN A 23 6.42 -0.50 10.25
CA GLN A 23 6.81 -1.62 11.10
C GLN A 23 8.29 -1.56 11.44
N GLN A 24 9.09 -1.18 10.45
CA GLN A 24 10.54 -1.09 10.61
C GLN A 24 10.93 0.05 11.56
N GLU A 25 10.13 1.14 11.57
CA GLU A 25 10.43 2.29 12.44
C GLU A 25 10.21 1.94 13.94
N PRO A 26 11.24 2.13 14.81
CA PRO A 26 11.09 1.85 16.29
C PRO A 26 10.01 2.72 16.94
N ASP A 27 9.81 3.94 16.39
CA ASP A 27 8.84 4.88 16.95
C ASP A 27 7.41 4.35 16.84
N ASP A 28 6.76 4.16 17.99
CA ASP A 28 5.38 3.68 18.04
C ASP A 28 4.41 4.75 17.57
N LEU A 29 4.63 5.99 18.03
CA LEU A 29 3.77 7.10 17.70
C LEU A 29 3.76 7.34 16.19
N LYS A 30 4.95 7.38 15.59
CA LYS A 30 5.08 7.55 14.15
C LYS A 30 4.43 6.39 13.43
N GLN A 31 4.61 5.18 13.99
CA GLN A 31 4.06 3.96 13.43
C GLN A 31 2.53 4.03 13.34
N LYS A 32 1.89 4.55 14.40
CA LYS A 32 0.43 4.65 14.46
C LYS A 32 -0.09 5.73 13.52
N ALA A 33 0.56 6.89 13.56
CA ALA A 33 0.16 8.03 12.74
C ALA A 33 0.29 7.70 11.27
N CYS A 34 1.38 7.01 10.91
CA CYS A 34 1.62 6.63 9.53
C CYS A 34 0.70 5.48 9.08
N GLU A 35 0.31 4.61 10.03
CA GLU A 35 -0.52 3.48 9.72
C GLU A 35 -1.87 3.95 9.20
N SER A 36 -2.51 4.86 9.94
CA SER A 36 -3.82 5.41 9.55
C SER A 36 -3.71 6.23 8.29
N ARG A 37 -2.67 7.06 8.19
CA ARG A 37 -2.50 7.90 7.02
C ARG A 37 -2.30 7.04 5.78
N CYS A 38 -1.38 6.09 5.85
CA CYS A 38 -1.09 5.21 4.71
C CYS A 38 -2.26 4.31 4.37
N THR A 39 -2.93 3.80 5.40
CA THR A 39 -4.11 2.97 5.25
C THR A 39 -5.23 3.77 4.60
N LYS A 40 -5.37 5.01 5.06
CA LYS A 40 -6.39 5.88 4.56
C LYS A 40 -6.08 6.36 3.15
N LEU A 41 -4.78 6.58 2.85
CA LEU A 41 -4.37 7.05 1.52
C LEU A 41 -4.81 6.07 0.44
N GLU A 42 -4.62 4.78 0.71
CA GLU A 42 -5.00 3.70 -0.23
C GLU A 42 -4.60 4.04 -1.71
N TYR A 43 -5.51 4.68 -2.46
CA TYR A 43 -5.27 5.04 -3.87
C TYR A 43 -4.62 6.43 -3.96
N ASP A 44 -3.42 6.51 -4.58
CA ASP A 44 -2.71 7.78 -4.72
C ASP A 44 -2.09 7.96 -6.14
N PRO A 45 -1.95 9.22 -6.64
CA PRO A 45 -1.38 9.50 -8.01
C PRO A 45 0.05 8.98 -8.20
N ARG A 46 0.85 9.02 -7.13
CA ARG A 46 2.25 8.60 -7.19
C ARG A 46 2.38 7.13 -7.56
N CYS A 47 1.46 6.32 -7.05
CA CYS A 47 1.48 4.87 -7.30
C CYS A 47 0.75 4.48 -8.59
N VAL A 48 0.21 5.47 -9.32
CA VAL A 48 -0.51 5.23 -10.57
C VAL A 48 0.05 6.13 -11.68
N TYR A 49 0.28 5.55 -12.86
CA TYR A 49 0.84 6.29 -13.99
C TYR A 49 -0.07 7.44 -14.40
N ASP A 50 -1.39 7.20 -14.37
CA ASP A 50 -2.37 8.24 -14.74
C ASP A 50 -2.32 9.41 -13.71
N PRO A 51 -2.06 10.67 -14.14
CA PRO A 51 -1.98 11.84 -13.19
C PRO A 51 -3.33 12.21 -12.57
N ARG A 52 -4.43 11.83 -13.26
CA ARG A 52 -5.77 12.18 -12.80
C ARG A 52 -6.03 11.57 -11.39
N GLY A 53 -5.70 10.29 -11.24
CA GLY A 53 -5.85 9.60 -9.95
C GLY A 53 -7.32 9.39 -9.57
N HIS A 54 -8.22 9.38 -10.57
CA HIS A 54 -9.65 9.19 -10.32
C HIS A 54 -9.94 7.76 -9.83
N THR A 55 -10.68 7.65 -8.72
CA THR A 55 -11.02 6.35 -8.14
C THR A 55 -12.29 6.44 -7.28
N GLY A 56 -13.02 5.32 -7.22
CA GLY A 56 -14.25 5.23 -6.41
C GLY A 56 -15.49 5.56 -7.24
N THR A 57 -16.41 4.58 -7.30
CA THR A 57 -17.67 4.75 -8.04
C THR A 57 -18.59 5.75 -7.34
N THR A 58 -18.58 5.73 -6.00
CA THR A 58 -19.42 6.62 -5.20
C THR A 58 -19.05 8.09 -5.46
N ASN A 59 -17.75 8.36 -5.49
CA ASN A 59 -17.25 9.72 -5.75
C ASN A 59 -15.86 9.68 -6.38
N GLY A 1 8.83 0.58 -20.50
CA GLY A 1 10.06 -0.26 -20.33
C GLY A 1 9.68 -1.73 -20.35
N LYS A 2 8.67 -2.09 -19.54
CA LYS A 2 8.20 -3.47 -19.46
C LYS A 2 6.70 -3.55 -19.65
N SER A 3 6.25 -4.61 -20.33
CA SER A 3 4.82 -4.82 -20.60
C SER A 3 4.19 -5.82 -19.62
N SER A 4 5.03 -6.71 -19.05
CA SER A 4 4.55 -7.76 -18.12
C SER A 4 3.78 -8.86 -18.88
N PRO A 5 3.80 -10.13 -18.40
CA PRO A 5 3.10 -11.26 -19.10
C PRO A 5 1.59 -11.06 -19.18
N TYR A 6 1.04 -10.34 -18.20
CA TYR A 6 -0.40 -10.06 -18.17
C TYR A 6 -0.68 -8.80 -17.36
N GLN A 7 -1.50 -7.90 -17.92
CA GLN A 7 -1.86 -6.64 -17.25
C GLN A 7 -0.60 -5.87 -16.81
N LYS A 8 -0.81 -4.69 -16.20
CA LYS A 8 0.30 -3.85 -15.75
C LYS A 8 -0.10 -3.09 -14.48
N LYS A 9 0.84 -2.97 -13.54
CA LYS A 9 0.58 -2.29 -12.26
C LYS A 9 -0.55 -3.00 -11.49
N THR A 10 -0.43 -4.32 -11.36
CA THR A 10 -1.42 -5.13 -10.64
C THR A 10 -0.78 -5.78 -9.42
N GLU A 11 -1.60 -6.04 -8.39
CA GLU A 11 -1.12 -6.65 -7.15
C GLU A 11 0.10 -5.88 -6.59
N ASN A 12 0.09 -4.55 -6.79
CA ASN A 12 1.19 -3.69 -6.32
C ASN A 12 1.24 -3.71 -4.77
N PRO A 13 2.42 -3.90 -4.15
CA PRO A 13 2.53 -3.89 -2.66
C PRO A 13 2.58 -2.44 -2.12
N CYS A 14 1.53 -1.66 -2.43
CA CYS A 14 1.46 -0.26 -1.99
C CYS A 14 1.26 -0.19 -0.48
N ALA A 15 0.20 -0.86 -0.01
CA ALA A 15 -0.09 -0.92 1.43
C ALA A 15 0.99 -1.68 2.18
N GLN A 16 1.49 -2.75 1.57
CA GLN A 16 2.59 -3.49 2.15
C GLN A 16 3.80 -2.57 2.29
N ARG A 17 3.98 -1.68 1.30
CA ARG A 17 5.07 -0.71 1.32
C ARG A 17 4.88 0.31 2.45
N CYS A 18 3.64 0.82 2.62
CA CYS A 18 3.36 1.80 3.68
C CYS A 18 3.50 1.16 5.08
N LEU A 19 3.10 -0.11 5.17
CA LEU A 19 3.20 -0.87 6.41
C LEU A 19 4.65 -1.20 6.73
N GLN A 20 5.41 -1.55 5.69
CA GLN A 20 6.83 -1.87 5.85
C GLN A 20 7.57 -0.67 6.44
N SER A 21 7.22 0.52 5.95
CA SER A 21 7.81 1.76 6.47
C SER A 21 7.47 1.94 7.94
N CYS A 22 6.21 1.62 8.28
CA CYS A 22 5.74 1.70 9.66
C CYS A 22 6.52 0.74 10.56
N GLN A 23 6.79 -0.46 10.03
CA GLN A 23 7.54 -1.48 10.78
C GLN A 23 8.95 -1.02 11.09
N GLN A 24 9.56 -0.34 10.13
CA GLN A 24 10.93 0.14 10.26
C GLN A 24 11.07 1.22 11.34
N GLU A 25 10.01 2.02 11.52
CA GLU A 25 10.05 3.11 12.50
C GLU A 25 10.04 2.55 13.97
N PRO A 26 11.09 2.82 14.79
CA PRO A 26 11.14 2.34 16.22
C PRO A 26 9.98 2.89 17.05
N ASP A 27 9.55 4.12 16.72
CA ASP A 27 8.50 4.80 17.48
C ASP A 27 7.14 4.18 17.22
N ASP A 28 6.50 3.68 18.30
CA ASP A 28 5.18 3.10 18.21
C ASP A 28 4.16 4.14 17.77
N LEU A 29 4.32 5.37 18.30
CA LEU A 29 3.42 6.45 17.96
C LEU A 29 3.50 6.77 16.48
N LYS A 30 4.74 6.82 15.97
CA LYS A 30 4.97 7.06 14.54
C LYS A 30 4.35 5.92 13.72
N GLN A 31 4.47 4.69 14.23
CA GLN A 31 3.92 3.50 13.57
C GLN A 31 2.41 3.65 13.38
N LYS A 32 1.74 4.18 14.39
CA LYS A 32 0.29 4.40 14.33
C LYS A 32 -0.05 5.55 13.39
N ALA A 33 0.75 6.61 13.48
CA ALA A 33 0.55 7.80 12.65
C ALA A 33 0.71 7.49 11.18
N CYS A 34 1.73 6.66 10.85
CA CYS A 34 1.98 6.30 9.45
C CYS A 34 0.93 5.31 8.93
N GLU A 35 0.46 4.42 9.82
CA GLU A 35 -0.57 3.47 9.48
C GLU A 35 -1.86 4.23 9.13
N SER A 36 -2.16 5.26 9.93
CA SER A 36 -3.33 6.10 9.70
C SER A 36 -3.22 6.79 8.35
N ARG A 37 -2.02 7.29 8.04
CA ARG A 37 -1.74 7.98 6.79
C ARG A 37 -1.99 7.03 5.60
N CYS A 38 -1.54 5.78 5.73
CA CYS A 38 -1.71 4.79 4.66
C CYS A 38 -3.20 4.60 4.36
N THR A 39 -4.00 4.48 5.43
CA THR A 39 -5.45 4.29 5.30
C THR A 39 -6.14 5.56 4.86
N LYS A 40 -5.61 6.72 5.29
CA LYS A 40 -6.19 7.99 4.92
C LYS A 40 -5.95 8.28 3.45
N LEU A 41 -4.75 7.94 3.00
CA LEU A 41 -4.38 8.13 1.61
C LEU A 41 -5.27 7.30 0.69
N GLU A 42 -5.60 6.08 1.14
CA GLU A 42 -6.45 5.17 0.35
C GLU A 42 -5.78 4.83 -0.96
N TYR A 43 -5.08 3.69 -1.00
CA TYR A 43 -4.38 3.24 -2.21
C TYR A 43 -5.30 3.32 -3.43
N ASP A 44 -4.72 3.69 -4.57
CA ASP A 44 -5.48 3.83 -5.81
C ASP A 44 -5.93 2.46 -6.36
N PRO A 45 -6.94 2.42 -7.25
CA PRO A 45 -7.46 1.13 -7.83
C PRO A 45 -6.34 0.31 -8.49
N ARG A 46 -5.29 1.00 -8.96
CA ARG A 46 -4.18 0.35 -9.62
C ARG A 46 -3.47 -0.60 -8.67
N CYS A 47 -3.32 -0.18 -7.40
CA CYS A 47 -2.66 -1.01 -6.40
C CYS A 47 -3.42 -2.30 -6.18
N VAL A 48 -4.76 -2.18 -6.07
CA VAL A 48 -5.64 -3.34 -5.90
C VAL A 48 -6.88 -3.19 -6.78
N TYR A 49 -7.15 -4.22 -7.60
CA TYR A 49 -8.32 -4.20 -8.49
C TYR A 49 -9.62 -4.33 -7.68
N ASP A 50 -10.56 -3.43 -7.95
CA ASP A 50 -11.86 -3.44 -7.26
C ASP A 50 -12.62 -4.76 -7.56
N PRO A 51 -13.15 -5.47 -6.53
CA PRO A 51 -13.85 -6.78 -6.76
C PRO A 51 -15.09 -6.64 -7.64
N ARG A 52 -15.83 -5.53 -7.45
CA ARG A 52 -17.02 -5.26 -8.26
C ARG A 52 -16.63 -5.07 -9.73
N GLY A 53 -15.54 -4.32 -9.94
CA GLY A 53 -15.03 -4.06 -11.29
C GLY A 53 -16.09 -3.40 -12.16
N HIS A 54 -16.25 -3.92 -13.38
CA HIS A 54 -17.24 -3.39 -14.33
C HIS A 54 -18.63 -3.94 -14.01
N THR A 55 -19.65 -3.11 -14.24
CA THR A 55 -21.04 -3.51 -13.99
C THR A 55 -21.56 -4.39 -15.12
N GLY A 56 -22.65 -5.13 -14.83
CA GLY A 56 -23.27 -6.00 -15.83
C GLY A 56 -24.58 -6.59 -15.31
N THR A 57 -25.36 -7.17 -16.22
CA THR A 57 -26.64 -7.78 -15.86
C THR A 57 -26.79 -9.15 -16.51
N THR A 58 -27.69 -9.97 -15.95
CA THR A 58 -27.93 -11.32 -16.49
C THR A 58 -28.47 -11.21 -17.92
N ASN A 59 -29.43 -10.29 -18.13
CA ASN A 59 -30.03 -10.08 -19.44
C ASN A 59 -30.59 -11.38 -20.02
N GLY A 1 -13.64 -20.48 -21.26
CA GLY A 1 -14.48 -19.30 -20.92
C GLY A 1 -13.58 -18.16 -20.43
N LYS A 2 -14.00 -17.52 -19.33
CA LYS A 2 -13.24 -16.41 -18.74
C LYS A 2 -12.00 -16.92 -18.01
N SER A 3 -10.95 -16.09 -18.01
CA SER A 3 -9.69 -16.44 -17.36
C SER A 3 -9.33 -15.41 -16.28
N SER A 4 -8.81 -15.90 -15.16
CA SER A 4 -8.41 -15.04 -14.04
C SER A 4 -6.96 -15.39 -13.58
N PRO A 5 -5.92 -14.94 -14.30
CA PRO A 5 -4.49 -15.27 -13.95
C PRO A 5 -4.04 -14.61 -12.64
N TYR A 6 -3.21 -15.34 -11.88
CA TYR A 6 -2.66 -14.83 -10.62
C TYR A 6 -1.45 -15.65 -10.16
N GLN A 7 -0.63 -15.06 -9.28
CA GLN A 7 0.57 -15.74 -8.75
C GLN A 7 1.13 -14.97 -7.56
N LYS A 8 2.06 -15.60 -6.82
CA LYS A 8 2.69 -14.95 -5.68
C LYS A 8 3.51 -13.75 -6.15
N LYS A 9 3.31 -12.60 -5.50
CA LYS A 9 4.00 -11.37 -5.90
C LYS A 9 4.53 -10.60 -4.69
N THR A 10 5.66 -9.93 -4.89
CA THR A 10 6.27 -9.09 -3.84
C THR A 10 5.93 -7.61 -4.02
N GLU A 11 5.46 -7.23 -5.23
CA GLU A 11 5.11 -5.85 -5.51
C GLU A 11 3.84 -5.47 -4.73
N ASN A 12 4.05 -5.16 -3.45
CA ASN A 12 2.94 -4.80 -2.54
C ASN A 12 2.33 -3.44 -2.90
N PRO A 13 1.07 -3.18 -2.46
CA PRO A 13 0.42 -1.85 -2.67
C PRO A 13 1.11 -0.79 -1.82
N CYS A 14 0.74 0.46 -2.03
CA CYS A 14 1.37 1.57 -1.32
C CYS A 14 1.18 1.44 0.18
N ALA A 15 -0.02 0.99 0.59
CA ALA A 15 -0.36 0.89 2.01
C ALA A 15 0.46 -0.15 2.71
N GLN A 16 0.60 -1.28 2.07
CA GLN A 16 1.43 -2.34 2.60
C GLN A 16 2.89 -1.90 2.64
N ARG A 17 3.30 -1.12 1.62
CA ARG A 17 4.68 -0.62 1.54
C ARG A 17 4.96 0.35 2.68
N CYS A 18 4.02 1.29 2.89
CA CYS A 18 4.13 2.27 3.96
C CYS A 18 4.12 1.58 5.32
N LEU A 19 3.18 0.65 5.50
CA LEU A 19 3.05 -0.09 6.75
C LEU A 19 4.33 -0.87 7.05
N GLN A 20 4.90 -1.49 6.01
CA GLN A 20 6.14 -2.25 6.17
C GLN A 20 7.25 -1.32 6.65
N SER A 21 7.30 -0.12 6.06
CA SER A 21 8.28 0.89 6.44
C SER A 21 8.07 1.32 7.89
N CYS A 22 6.80 1.49 8.27
CA CYS A 22 6.44 1.87 9.62
C CYS A 22 6.89 0.82 10.63
N GLN A 23 6.76 -0.45 10.25
CA GLN A 23 7.19 -1.56 11.10
C GLN A 23 8.69 -1.50 11.37
N GLN A 24 9.45 -1.09 10.35
CA GLN A 24 10.91 -1.04 10.45
C GLN A 24 11.36 0.03 11.44
N GLU A 25 10.63 1.17 11.53
CA GLU A 25 11.00 2.22 12.49
C GLU A 25 10.58 1.84 13.94
N PRO A 26 11.41 2.16 14.98
CA PRO A 26 11.07 1.81 16.40
C PRO A 26 9.97 2.71 16.99
N ASP A 27 9.76 3.87 16.38
CA ASP A 27 8.76 4.85 16.87
C ASP A 27 7.33 4.33 16.69
N ASP A 28 6.72 3.94 17.82
CA ASP A 28 5.34 3.44 17.83
C ASP A 28 4.35 4.53 17.44
N LEU A 29 4.61 5.75 17.93
CA LEU A 29 3.74 6.86 17.67
C LEU A 29 3.69 7.16 16.17
N LYS A 30 4.86 7.19 15.53
CA LYS A 30 4.95 7.38 14.08
C LYS A 30 4.26 6.23 13.36
N GLN A 31 4.44 5.02 13.90
CA GLN A 31 3.86 3.81 13.33
C GLN A 31 2.34 3.90 13.24
N LYS A 32 1.71 4.43 14.30
CA LYS A 32 0.26 4.56 14.36
C LYS A 32 -0.25 5.67 13.45
N ALA A 33 0.43 6.82 13.50
CA ALA A 33 0.05 7.97 12.69
C ALA A 33 0.20 7.66 11.20
N CYS A 34 1.30 6.97 10.86
CA CYS A 34 1.58 6.62 9.46
C CYS A 34 0.64 5.54 8.95
N GLU A 35 0.24 4.62 9.85
CA GLU A 35 -0.63 3.54 9.50
C GLU A 35 -2.00 4.07 9.05
N SER A 36 -2.56 5.00 9.83
CA SER A 36 -3.86 5.59 9.51
C SER A 36 -3.83 6.35 8.20
N ARG A 37 -2.81 7.21 8.05
CA ARG A 37 -2.67 8.00 6.83
C ARG A 37 -2.45 7.10 5.64
N CYS A 38 -1.52 6.15 5.78
CA CYS A 38 -1.17 5.25 4.67
C CYS A 38 -2.33 4.33 4.29
N THR A 39 -3.06 3.82 5.29
CA THR A 39 -4.25 2.99 5.03
C THR A 39 -5.34 3.81 4.40
N LYS A 40 -5.33 5.12 4.70
CA LYS A 40 -6.28 6.03 4.15
C LYS A 40 -5.85 6.46 2.74
N LEU A 41 -4.53 6.54 2.52
CA LEU A 41 -3.95 6.88 1.22
C LEU A 41 -4.26 5.81 0.16
N GLU A 42 -4.49 4.57 0.62
CA GLU A 42 -4.78 3.45 -0.29
C GLU A 42 -5.98 3.80 -1.18
N TYR A 43 -6.98 4.45 -0.58
CA TYR A 43 -8.18 4.87 -1.32
C TYR A 43 -7.80 5.79 -2.50
N ASP A 44 -6.70 6.55 -2.34
CA ASP A 44 -6.25 7.49 -3.37
C ASP A 44 -6.10 6.80 -4.75
N PRO A 45 -6.72 7.34 -5.84
CA PRO A 45 -6.55 6.75 -7.21
C PRO A 45 -5.07 6.67 -7.64
N ARG A 46 -4.20 7.43 -6.94
CA ARG A 46 -2.79 7.45 -7.27
C ARG A 46 -2.20 6.05 -7.12
N CYS A 47 -2.57 5.36 -6.03
CA CYS A 47 -2.10 3.98 -5.79
C CYS A 47 -3.13 2.92 -6.23
N VAL A 48 -4.23 3.37 -6.86
CA VAL A 48 -5.26 2.45 -7.36
C VAL A 48 -5.45 2.63 -8.87
N TYR A 49 -5.35 1.53 -9.62
CA TYR A 49 -5.50 1.57 -11.08
C TYR A 49 -6.92 1.15 -11.49
N ASP A 50 -7.63 2.08 -12.16
CA ASP A 50 -8.99 1.81 -12.63
C ASP A 50 -8.98 0.94 -13.90
N PRO A 51 -10.00 0.06 -14.12
CA PRO A 51 -10.05 -0.81 -15.34
C PRO A 51 -10.33 0.00 -16.61
N ARG A 52 -11.08 1.09 -16.46
CA ARG A 52 -11.42 1.95 -17.59
C ARG A 52 -10.18 2.60 -18.20
N GLY A 53 -9.25 3.05 -17.35
CA GLY A 53 -8.03 3.72 -17.80
C GLY A 53 -7.24 2.86 -18.77
N HIS A 54 -6.88 3.44 -19.92
CA HIS A 54 -6.11 2.75 -20.93
C HIS A 54 -4.65 2.58 -20.49
N THR A 55 -4.05 1.44 -20.84
CA THR A 55 -2.65 1.17 -20.49
C THR A 55 -1.72 2.02 -21.37
N GLY A 56 -0.45 2.13 -20.96
CA GLY A 56 0.52 2.94 -21.69
C GLY A 56 0.07 4.40 -21.77
N THR A 57 0.02 4.94 -22.99
CA THR A 57 -0.40 6.32 -23.20
C THR A 57 -1.23 6.44 -24.47
N THR A 58 -2.16 7.41 -24.48
CA THR A 58 -3.04 7.65 -25.63
C THR A 58 -2.86 9.07 -26.15
N ASN A 59 -2.63 9.19 -27.46
CA ASN A 59 -2.45 10.49 -28.11
C ASN A 59 -2.41 10.33 -29.62
N GLY A 1 -12.32 -13.64 12.24
CA GLY A 1 -11.01 -14.34 12.09
C GLY A 1 -11.21 -15.68 11.40
N LYS A 2 -11.87 -15.64 10.23
CA LYS A 2 -12.14 -16.85 9.45
C LYS A 2 -11.18 -16.95 8.28
N SER A 3 -10.15 -17.79 8.45
CA SER A 3 -9.12 -17.99 7.41
C SER A 3 -8.44 -16.67 7.05
N SER A 4 -7.27 -16.78 6.40
CA SER A 4 -6.53 -15.59 5.98
C SER A 4 -5.83 -15.83 4.62
N PRO A 5 -5.63 -14.78 3.79
CA PRO A 5 -4.95 -14.93 2.46
C PRO A 5 -3.52 -15.44 2.60
N TYR A 6 -3.12 -16.33 1.69
CA TYR A 6 -1.74 -16.86 1.66
C TYR A 6 -1.06 -16.45 0.37
N GLN A 7 0.09 -15.75 0.51
CA GLN A 7 0.83 -15.27 -0.66
C GLN A 7 2.24 -14.83 -0.25
N LYS A 8 3.15 -14.79 -1.23
CA LYS A 8 4.54 -14.37 -0.99
C LYS A 8 4.58 -12.93 -0.45
N LYS A 9 3.67 -12.07 -0.94
CA LYS A 9 3.58 -10.66 -0.55
C LYS A 9 4.70 -9.82 -1.19
N THR A 10 4.75 -9.85 -2.52
CA THR A 10 5.72 -9.07 -3.29
C THR A 10 5.02 -8.21 -4.32
N GLU A 11 5.71 -7.17 -4.81
CA GLU A 11 5.14 -6.25 -5.80
C GLU A 11 3.80 -5.67 -5.29
N ASN A 12 3.70 -5.49 -3.97
CA ASN A 12 2.49 -4.94 -3.35
C ASN A 12 2.34 -3.44 -3.62
N PRO A 13 1.12 -2.89 -3.47
CA PRO A 13 0.88 -1.44 -3.64
C PRO A 13 1.74 -0.63 -2.69
N CYS A 14 1.76 0.67 -2.90
CA CYS A 14 2.55 1.59 -2.10
C CYS A 14 2.15 1.52 -0.64
N ALA A 15 0.85 1.31 -0.38
CA ALA A 15 0.34 1.28 1.00
C ALA A 15 0.97 0.18 1.79
N GLN A 16 1.09 -1.00 1.16
CA GLN A 16 1.76 -2.12 1.79
C GLN A 16 3.22 -1.75 2.07
N ARG A 17 3.83 -1.01 1.12
CA ARG A 17 5.22 -0.56 1.31
C ARG A 17 5.32 0.35 2.53
N CYS A 18 4.34 1.26 2.62
CA CYS A 18 4.25 2.18 3.75
C CYS A 18 4.09 1.41 5.06
N LEU A 19 3.20 0.44 5.05
CA LEU A 19 2.92 -0.36 6.24
C LEU A 19 4.17 -1.11 6.71
N GLN A 20 4.89 -1.73 5.76
CA GLN A 20 6.13 -2.45 6.09
C GLN A 20 7.19 -1.50 6.61
N SER A 21 7.28 -0.31 6.00
CA SER A 21 8.27 0.69 6.38
C SER A 21 8.10 1.12 7.83
N CYS A 22 6.85 1.38 8.21
CA CYS A 22 6.53 1.79 9.58
C CYS A 22 6.86 0.68 10.57
N GLN A 23 6.58 -0.57 10.18
CA GLN A 23 6.82 -1.72 11.07
C GLN A 23 8.28 -1.83 11.44
N GLN A 24 9.15 -1.59 10.47
CA GLN A 24 10.59 -1.66 10.69
C GLN A 24 11.06 -0.53 11.62
N GLU A 25 10.39 0.63 11.51
CA GLU A 25 10.71 1.80 12.34
C GLU A 25 10.28 1.56 13.83
N PRO A 26 11.14 1.85 14.84
CA PRO A 26 10.81 1.62 16.29
C PRO A 26 9.75 2.58 16.85
N ASP A 27 9.58 3.74 16.21
CA ASP A 27 8.63 4.77 16.71
C ASP A 27 7.20 4.24 16.76
N ASP A 28 6.53 4.44 17.91
CA ASP A 28 5.15 3.98 18.10
C ASP A 28 4.15 5.04 17.66
N LEU A 29 4.42 6.30 18.04
CA LEU A 29 3.56 7.41 17.67
C LEU A 29 3.62 7.60 16.15
N LYS A 30 4.84 7.54 15.60
CA LYS A 30 5.03 7.65 14.15
C LYS A 30 4.36 6.47 13.45
N GLN A 31 4.47 5.27 14.06
CA GLN A 31 3.78 4.07 13.54
C GLN A 31 2.26 4.34 13.50
N LYS A 32 1.77 4.93 14.58
CA LYS A 32 0.35 5.23 14.74
C LYS A 32 -0.13 6.24 13.69
N ALA A 33 0.62 7.33 13.55
CA ALA A 33 0.28 8.39 12.60
C ALA A 33 0.40 7.92 11.16
N CYS A 34 1.47 7.16 10.87
CA CYS A 34 1.73 6.70 9.49
C CYS A 34 0.79 5.56 9.09
N GLU A 35 0.47 4.70 10.07
CA GLU A 35 -0.43 3.59 9.83
C GLU A 35 -1.80 4.12 9.44
N SER A 36 -2.29 5.13 10.18
CA SER A 36 -3.60 5.72 9.92
C SER A 36 -3.65 6.36 8.53
N ARG A 37 -2.63 7.16 8.19
CA ARG A 37 -2.59 7.83 6.89
C ARG A 37 -2.56 6.83 5.75
N CYS A 38 -1.65 5.86 5.84
CA CYS A 38 -1.53 4.85 4.77
C CYS A 38 -2.78 3.97 4.70
N THR A 39 -3.36 3.67 5.86
CA THR A 39 -4.61 2.94 5.95
C THR A 39 -5.72 3.74 5.29
N LYS A 40 -5.73 5.05 5.55
CA LYS A 40 -6.73 5.92 4.98
C LYS A 40 -6.52 6.07 3.48
N LEU A 41 -5.25 6.14 3.06
CA LEU A 41 -4.91 6.28 1.66
C LEU A 41 -5.43 5.08 0.86
N GLU A 42 -5.31 3.89 1.46
CA GLU A 42 -5.75 2.65 0.82
C GLU A 42 -4.94 2.37 -0.49
N TYR A 43 -5.60 2.28 -1.66
CA TYR A 43 -4.92 2.00 -2.93
C TYR A 43 -4.80 3.27 -3.77
N ASP A 44 -3.58 3.54 -4.27
CA ASP A 44 -3.35 4.70 -5.13
C ASP A 44 -2.76 4.25 -6.50
N PRO A 45 -3.59 4.11 -7.56
CA PRO A 45 -3.09 3.70 -8.91
C PRO A 45 -2.02 4.65 -9.44
N ARG A 46 -2.10 5.92 -9.02
CA ARG A 46 -1.16 6.96 -9.48
C ARG A 46 0.20 6.90 -8.77
N CYS A 47 0.29 6.13 -7.67
CA CYS A 47 1.55 6.01 -6.92
C CYS A 47 2.62 5.42 -7.81
N VAL A 48 2.28 4.35 -8.55
CA VAL A 48 3.21 3.68 -9.46
C VAL A 48 2.75 3.88 -10.91
N TYR A 49 3.66 4.44 -11.74
CA TYR A 49 3.36 4.71 -13.16
C TYR A 49 3.74 3.53 -14.08
N ASP A 50 4.27 2.43 -13.49
CA ASP A 50 4.67 1.25 -14.27
C ASP A 50 3.45 0.58 -14.92
N PRO A 51 3.62 -0.15 -16.05
CA PRO A 51 2.47 -0.81 -16.76
C PRO A 51 1.64 -1.69 -15.82
N ARG A 52 2.32 -2.36 -14.88
CA ARG A 52 1.65 -3.24 -13.91
C ARG A 52 1.34 -2.48 -12.58
N GLY A 53 1.38 -1.14 -12.64
CA GLY A 53 1.11 -0.30 -11.49
C GLY A 53 -0.31 -0.51 -10.97
N HIS A 54 -1.25 -0.67 -11.92
CA HIS A 54 -2.66 -0.87 -11.57
C HIS A 54 -2.83 -2.03 -10.59
N THR A 55 -3.72 -1.86 -9.61
CA THR A 55 -3.94 -2.87 -8.57
C THR A 55 -5.31 -3.53 -8.75
N GLY A 56 -5.49 -4.67 -8.06
CA GLY A 56 -6.74 -5.42 -8.14
C GLY A 56 -6.85 -6.13 -9.49
N THR A 57 -8.10 -6.39 -9.91
CA THR A 57 -8.36 -7.07 -11.18
C THR A 57 -9.38 -6.29 -12.00
N THR A 58 -9.42 -6.57 -13.30
CA THR A 58 -10.36 -5.90 -14.21
C THR A 58 -11.45 -6.87 -14.65
N ASN A 59 -12.71 -6.45 -14.51
CA ASN A 59 -13.88 -7.29 -14.86
C ASN A 59 -13.71 -8.74 -14.39
N GLY A 1 -11.35 -26.53 -15.01
CA GLY A 1 -10.45 -25.47 -15.55
C GLY A 1 -10.74 -24.16 -14.83
N LYS A 2 -10.59 -24.17 -13.51
CA LYS A 2 -10.82 -22.97 -12.68
C LYS A 2 -9.53 -22.13 -12.51
N SER A 3 -8.41 -22.59 -13.12
CA SER A 3 -7.13 -21.89 -13.04
C SER A 3 -7.19 -20.55 -13.76
N SER A 4 -6.39 -19.59 -13.29
CA SER A 4 -6.32 -18.25 -13.89
C SER A 4 -7.74 -17.63 -14.06
N PRO A 5 -8.57 -17.59 -12.98
CA PRO A 5 -9.95 -16.99 -13.06
C PRO A 5 -9.89 -15.47 -13.16
N TYR A 6 -10.93 -14.86 -13.74
CA TYR A 6 -10.99 -13.41 -13.87
C TYR A 6 -10.98 -12.78 -12.47
N GLN A 7 -10.11 -11.78 -12.27
CA GLN A 7 -9.96 -11.15 -10.96
C GLN A 7 -9.85 -9.63 -11.07
N LYS A 8 -10.56 -8.93 -10.18
CA LYS A 8 -10.53 -7.47 -10.13
C LYS A 8 -9.22 -7.00 -9.51
N LYS A 9 -8.79 -5.78 -9.88
CA LYS A 9 -7.53 -5.22 -9.37
C LYS A 9 -7.61 -4.99 -7.83
N THR A 10 -8.02 -3.77 -7.39
CA THR A 10 -8.15 -3.43 -5.97
C THR A 10 -6.98 -4.00 -5.12
N GLU A 11 -7.11 -3.91 -3.78
CA GLU A 11 -6.09 -4.39 -2.84
C GLU A 11 -4.66 -4.01 -3.31
N ASN A 12 -4.38 -2.71 -3.33
CA ASN A 12 -3.06 -2.21 -3.76
C ASN A 12 -1.95 -2.59 -2.75
N PRO A 13 -0.70 -2.82 -3.21
CA PRO A 13 0.44 -3.21 -2.32
C PRO A 13 1.12 -2.02 -1.64
N CYS A 14 0.74 -0.79 -2.02
CA CYS A 14 1.38 0.43 -1.48
C CYS A 14 1.20 0.50 0.03
N ALA A 15 0.00 0.19 0.52
CA ALA A 15 -0.27 0.25 1.97
C ALA A 15 0.59 -0.75 2.72
N GLN A 16 0.73 -1.93 2.17
CA GLN A 16 1.61 -2.95 2.74
C GLN A 16 3.04 -2.45 2.72
N ARG A 17 3.40 -1.71 1.65
CA ARG A 17 4.73 -1.14 1.52
C ARG A 17 4.98 -0.12 2.63
N CYS A 18 3.98 0.75 2.89
CA CYS A 18 4.11 1.77 3.93
C CYS A 18 4.19 1.11 5.33
N LEU A 19 3.53 -0.06 5.47
CA LEU A 19 3.55 -0.81 6.73
C LEU A 19 4.95 -1.30 7.06
N GLN A 20 5.63 -1.84 6.05
CA GLN A 20 6.99 -2.35 6.24
C GLN A 20 7.91 -1.21 6.66
N SER A 21 7.73 -0.05 6.03
CA SER A 21 8.51 1.14 6.38
C SER A 21 8.22 1.56 7.82
N CYS A 22 6.93 1.51 8.18
CA CYS A 22 6.48 1.89 9.52
C CYS A 22 7.06 0.95 10.57
N GLN A 23 7.11 -0.34 10.26
CA GLN A 23 7.67 -1.34 11.18
C GLN A 23 9.13 -1.05 11.47
N GLN A 24 9.85 -0.62 10.45
CA GLN A 24 11.26 -0.30 10.57
C GLN A 24 11.47 0.93 11.49
N GLU A 25 10.50 1.86 11.47
CA GLU A 25 10.57 3.06 12.30
C GLU A 25 10.61 2.67 13.81
N PRO A 26 11.60 3.15 14.60
CA PRO A 26 11.71 2.80 16.07
C PRO A 26 10.46 3.19 16.89
N ASP A 27 9.78 4.26 16.46
CA ASP A 27 8.63 4.79 17.22
C ASP A 27 7.32 4.05 16.91
N ASP A 28 6.71 3.49 17.96
CA ASP A 28 5.42 2.81 17.83
C ASP A 28 4.33 3.80 17.46
N LEU A 29 4.40 5.01 18.04
CA LEU A 29 3.44 6.04 17.79
C LEU A 29 3.45 6.44 16.31
N LYS A 30 4.66 6.55 15.74
CA LYS A 30 4.80 6.89 14.32
C LYS A 30 4.16 5.82 13.46
N GLN A 31 4.30 4.56 13.89
CA GLN A 31 3.68 3.42 13.18
C GLN A 31 2.15 3.60 13.14
N LYS A 32 1.60 4.08 14.26
CA LYS A 32 0.15 4.29 14.39
C LYS A 32 -0.30 5.45 13.49
N ALA A 33 0.48 6.53 13.53
CA ALA A 33 0.18 7.72 12.74
C ALA A 33 0.25 7.43 11.26
N CYS A 34 1.26 6.65 10.85
CA CYS A 34 1.44 6.32 9.43
C CYS A 34 0.38 5.34 8.94
N GLU A 35 -0.14 4.49 9.87
CA GLU A 35 -1.17 3.54 9.52
C GLU A 35 -2.44 4.29 9.09
N SER A 36 -2.82 5.31 9.87
CA SER A 36 -4.00 6.12 9.55
C SER A 36 -3.80 6.87 8.25
N ARG A 37 -2.58 7.36 8.04
CA ARG A 37 -2.23 8.06 6.81
C ARG A 37 -2.30 7.12 5.62
N CYS A 38 -1.81 5.89 5.80
CA CYS A 38 -1.78 4.91 4.69
C CYS A 38 -3.19 4.59 4.20
N THR A 39 -4.13 4.46 5.15
CA THR A 39 -5.52 4.18 4.79
C THR A 39 -6.19 5.41 4.21
N LYS A 40 -5.80 6.58 4.71
CA LYS A 40 -6.34 7.82 4.19
C LYS A 40 -5.84 8.09 2.77
N LEU A 41 -4.56 7.79 2.55
CA LEU A 41 -3.93 8.01 1.24
C LEU A 41 -4.58 7.16 0.15
N GLU A 42 -4.90 5.90 0.49
CA GLU A 42 -5.45 4.94 -0.48
C GLU A 42 -6.84 5.36 -0.98
N TYR A 43 -6.84 6.27 -1.96
CA TYR A 43 -8.09 6.74 -2.58
C TYR A 43 -8.31 6.08 -3.94
N ASP A 44 -7.21 5.80 -4.67
CA ASP A 44 -7.30 5.22 -6.01
C ASP A 44 -6.32 4.03 -6.20
N PRO A 45 -6.63 3.08 -7.13
CA PRO A 45 -5.73 1.92 -7.43
C PRO A 45 -4.48 2.33 -8.25
N ARG A 46 -4.46 3.58 -8.71
CA ARG A 46 -3.39 4.09 -9.58
C ARG A 46 -2.01 4.13 -8.89
N CYS A 47 -1.94 3.76 -7.60
CA CYS A 47 -0.68 3.80 -6.86
C CYS A 47 0.36 2.94 -7.58
N VAL A 48 -0.04 1.74 -7.99
CA VAL A 48 0.84 0.83 -8.72
C VAL A 48 1.23 1.44 -10.08
N TYR A 49 0.25 2.01 -10.79
CA TYR A 49 0.45 2.59 -12.12
C TYR A 49 1.31 3.85 -12.05
N ASP A 50 2.13 4.04 -13.10
CA ASP A 50 3.03 5.19 -13.20
C ASP A 50 2.24 6.48 -13.57
N PRO A 51 2.80 7.69 -13.30
CA PRO A 51 2.10 8.99 -13.62
C PRO A 51 1.65 9.05 -15.08
N ARG A 52 2.45 8.48 -15.98
CA ARG A 52 2.15 8.49 -17.42
C ARG A 52 0.84 7.77 -17.72
N GLY A 53 0.59 6.66 -17.03
CA GLY A 53 -0.61 5.84 -17.29
C GLY A 53 -1.91 6.62 -17.07
N HIS A 54 -1.98 7.39 -15.96
CA HIS A 54 -3.18 8.17 -15.66
C HIS A 54 -2.96 9.67 -15.89
N THR A 55 -4.07 10.40 -16.06
CA THR A 55 -4.01 11.84 -16.29
C THR A 55 -3.84 12.60 -14.97
N GLY A 56 -3.48 13.89 -15.08
CA GLY A 56 -3.27 14.73 -13.90
C GLY A 56 -2.18 14.17 -12.99
N THR A 57 -2.49 14.07 -11.70
CA THR A 57 -1.53 13.57 -10.70
C THR A 57 -2.15 12.45 -9.87
N THR A 58 -1.28 11.71 -9.15
CA THR A 58 -1.74 10.60 -8.30
C THR A 58 -2.61 11.09 -7.14
N ASN A 59 -2.34 12.33 -6.69
CA ASN A 59 -3.10 12.94 -5.59
C ASN A 59 -3.75 14.25 -6.06
N GLY A 1 -15.10 -18.60 11.47
CA GLY A 1 -13.69 -18.44 11.92
C GLY A 1 -12.77 -19.22 10.98
N LYS A 2 -12.70 -18.78 9.72
CA LYS A 2 -11.86 -19.45 8.72
C LYS A 2 -10.38 -19.11 8.95
N SER A 3 -9.52 -20.08 8.62
CA SER A 3 -8.07 -19.91 8.78
C SER A 3 -7.56 -18.79 7.88
N SER A 4 -6.60 -18.01 8.40
CA SER A 4 -6.02 -16.90 7.66
C SER A 4 -4.46 -17.00 7.62
N PRO A 5 -3.89 -17.99 6.88
CA PRO A 5 -2.41 -18.17 6.78
C PRO A 5 -1.76 -17.07 5.94
N TYR A 6 -0.46 -16.83 6.18
CA TYR A 6 0.29 -15.79 5.46
C TYR A 6 1.27 -16.42 4.48
N GLN A 7 1.30 -15.87 3.26
CA GLN A 7 2.20 -16.35 2.20
C GLN A 7 2.96 -15.17 1.59
N LYS A 8 4.16 -15.45 1.05
CA LYS A 8 5.00 -14.42 0.46
C LYS A 8 4.36 -13.87 -0.83
N LYS A 9 4.42 -12.53 -0.99
CA LYS A 9 3.83 -11.87 -2.15
C LYS A 9 4.77 -10.81 -2.73
N THR A 10 4.58 -10.50 -4.02
CA THR A 10 5.39 -9.48 -4.71
C THR A 10 4.48 -8.47 -5.39
N GLU A 11 5.04 -7.29 -5.72
CA GLU A 11 4.27 -6.22 -6.38
C GLU A 11 3.08 -5.77 -5.52
N ASN A 12 3.35 -5.57 -4.22
CA ASN A 12 2.32 -5.11 -3.28
C ASN A 12 1.92 -3.66 -3.54
N PRO A 13 0.72 -3.23 -3.10
CA PRO A 13 0.30 -1.82 -3.22
C PRO A 13 1.15 -0.95 -2.31
N CYS A 14 1.22 0.33 -2.63
CA CYS A 14 2.04 1.26 -1.86
C CYS A 14 1.59 1.34 -0.41
N ALA A 15 0.33 0.98 -0.13
CA ALA A 15 -0.21 1.02 1.24
C ALA A 15 0.50 0.04 2.13
N GLN A 16 0.62 -1.19 1.63
CA GLN A 16 1.37 -2.22 2.33
C GLN A 16 2.85 -1.83 2.41
N ARG A 17 3.33 -1.16 1.35
CA ARG A 17 4.72 -0.70 1.30
C ARG A 17 4.98 0.26 2.46
N CYS A 18 4.06 1.20 2.64
CA CYS A 18 4.14 2.16 3.75
C CYS A 18 4.11 1.45 5.10
N LEU A 19 3.20 0.48 5.23
CA LEU A 19 3.04 -0.29 6.47
C LEU A 19 4.35 -0.99 6.82
N GLN A 20 5.03 -1.55 5.80
CA GLN A 20 6.30 -2.24 6.02
C GLN A 20 7.33 -1.26 6.58
N SER A 21 7.32 -0.03 6.05
CA SER A 21 8.21 1.03 6.51
C SER A 21 7.87 1.40 7.96
N CYS A 22 6.57 1.46 8.26
CA CYS A 22 6.10 1.80 9.60
C CYS A 22 6.53 0.75 10.62
N GLN A 23 6.47 -0.52 10.21
CA GLN A 23 6.86 -1.64 11.09
C GLN A 23 8.33 -1.53 11.47
N GLN A 24 9.15 -1.15 10.50
CA GLN A 24 10.59 -1.02 10.72
C GLN A 24 10.91 0.13 11.67
N GLU A 25 10.08 1.19 11.63
CA GLU A 25 10.28 2.36 12.48
C GLU A 25 10.10 1.98 13.99
N PRO A 26 11.10 2.23 14.87
CA PRO A 26 10.99 1.87 16.33
C PRO A 26 9.96 2.72 17.10
N ASP A 27 9.62 3.88 16.53
CA ASP A 27 8.67 4.80 17.16
C ASP A 27 7.24 4.35 16.95
N ASP A 28 6.56 3.99 18.05
CA ASP A 28 5.18 3.57 18.00
C ASP A 28 4.29 4.70 17.53
N LEU A 29 4.58 5.91 18.02
CA LEU A 29 3.80 7.09 17.68
C LEU A 29 3.88 7.34 16.18
N LYS A 30 5.09 7.25 15.62
CA LYS A 30 5.28 7.41 14.18
C LYS A 30 4.52 6.31 13.44
N GLN A 31 4.58 5.09 13.99
CA GLN A 31 3.93 3.93 13.41
C GLN A 31 2.41 4.12 13.32
N LYS A 32 1.82 4.69 14.37
CA LYS A 32 0.37 4.89 14.42
C LYS A 32 -0.08 5.97 13.45
N ALA A 33 0.66 7.07 13.41
CA ALA A 33 0.36 8.18 12.54
C ALA A 33 0.47 7.78 11.07
N CYS A 34 1.54 7.02 10.76
CA CYS A 34 1.80 6.62 9.38
C CYS A 34 0.89 5.47 8.95
N GLU A 35 0.57 4.57 9.89
CA GLU A 35 -0.28 3.43 9.60
C GLU A 35 -1.68 3.91 9.21
N SER A 36 -2.24 4.82 10.01
CA SER A 36 -3.58 5.36 9.76
C SER A 36 -3.62 6.15 8.45
N ARG A 37 -2.62 7.01 8.25
CA ARG A 37 -2.53 7.82 7.05
C ARG A 37 -2.38 6.96 5.82
N CYS A 38 -1.44 6.02 5.87
CA CYS A 38 -1.18 5.13 4.73
C CYS A 38 -2.36 4.24 4.41
N THR A 39 -3.05 3.74 5.45
CA THR A 39 -4.25 2.92 5.27
C THR A 39 -5.39 3.76 4.73
N LYS A 40 -5.43 5.03 5.16
CA LYS A 40 -6.44 5.94 4.69
C LYS A 40 -6.18 6.33 3.24
N LEU A 41 -4.90 6.52 2.91
CA LEU A 41 -4.51 6.90 1.56
C LEU A 41 -4.95 5.86 0.54
N GLU A 42 -4.78 4.58 0.89
CA GLU A 42 -5.13 3.47 0.00
C GLU A 42 -4.32 3.55 -1.32
N TYR A 43 -4.81 4.35 -2.28
CA TYR A 43 -4.12 4.52 -3.57
C TYR A 43 -3.39 5.87 -3.61
N ASP A 44 -2.46 5.99 -4.55
CA ASP A 44 -1.69 7.22 -4.74
C ASP A 44 -1.58 7.54 -6.23
N PRO A 45 -1.62 8.83 -6.64
CA PRO A 45 -1.50 9.20 -8.08
C PRO A 45 -0.26 8.56 -8.70
N ARG A 46 0.81 8.46 -7.90
CA ARG A 46 2.05 7.84 -8.34
C ARG A 46 1.89 6.31 -8.48
N CYS A 47 1.13 5.73 -7.54
CA CYS A 47 0.95 4.27 -7.48
C CYS A 47 -0.22 3.76 -8.34
N VAL A 48 -0.77 4.64 -9.21
CA VAL A 48 -1.89 4.26 -10.09
C VAL A 48 -1.38 3.34 -11.20
N TYR A 49 -1.99 2.17 -11.31
CA TYR A 49 -1.62 1.19 -12.34
C TYR A 49 -1.97 1.68 -13.76
N ASP A 50 -2.97 2.58 -13.85
CA ASP A 50 -3.38 3.15 -15.14
C ASP A 50 -2.32 4.16 -15.66
N PRO A 51 -1.96 4.14 -16.97
CA PRO A 51 -0.95 5.10 -17.53
C PRO A 51 -1.48 6.54 -17.56
N ARG A 52 -2.81 6.68 -17.69
CA ARG A 52 -3.46 7.99 -17.75
C ARG A 52 -4.33 8.23 -16.51
N GLY A 53 -4.97 7.15 -16.04
CA GLY A 53 -5.84 7.24 -14.87
C GLY A 53 -7.23 7.76 -15.25
N HIS A 54 -8.11 7.85 -14.26
CA HIS A 54 -9.47 8.34 -14.47
C HIS A 54 -9.51 9.87 -14.54
N THR A 55 -10.69 10.42 -14.87
CA THR A 55 -10.86 11.87 -14.97
C THR A 55 -10.88 12.51 -13.59
N GLY A 56 -10.71 13.83 -13.55
CA GLY A 56 -10.68 14.57 -12.29
C GLY A 56 -10.43 16.05 -12.51
N THR A 57 -10.17 16.78 -11.41
CA THR A 57 -9.92 18.22 -11.48
C THR A 57 -8.86 18.63 -10.46
N THR A 58 -8.15 19.73 -10.77
CA THR A 58 -7.09 20.23 -9.89
C THR A 58 -7.02 21.76 -9.95
N ASN A 59 -6.54 22.37 -8.86
CA ASN A 59 -6.40 23.83 -8.77
C ASN A 59 -5.65 24.39 -9.98
N GLY A 1 -11.12 14.31 -9.36
CA GLY A 1 -10.47 12.99 -9.57
C GLY A 1 -11.28 12.19 -10.58
N LYS A 2 -10.71 11.98 -11.77
CA LYS A 2 -11.37 11.23 -12.83
C LYS A 2 -11.64 9.79 -12.38
N SER A 3 -12.88 9.33 -12.59
CA SER A 3 -13.29 7.97 -12.22
C SER A 3 -13.14 7.71 -10.73
N SER A 4 -13.93 6.78 -10.21
CA SER A 4 -13.90 6.40 -8.79
C SER A 4 -13.61 4.89 -8.62
N PRO A 5 -12.37 4.46 -8.31
CA PRO A 5 -12.04 3.00 -8.13
C PRO A 5 -12.92 2.36 -7.06
N TYR A 6 -13.38 1.13 -7.32
CA TYR A 6 -14.24 0.40 -6.38
C TYR A 6 -13.50 -0.77 -5.69
N GLN A 7 -12.25 -1.04 -6.11
CA GLN A 7 -11.47 -2.14 -5.54
C GLN A 7 -11.19 -1.90 -4.05
N LYS A 8 -10.87 -0.64 -3.69
CA LYS A 8 -10.58 -0.26 -2.29
C LYS A 8 -9.20 -0.77 -1.86
N LYS A 9 -8.96 -2.08 -2.02
CA LYS A 9 -7.68 -2.70 -1.64
C LYS A 9 -6.54 -2.12 -2.47
N THR A 10 -6.81 -1.85 -3.76
CA THR A 10 -5.80 -1.31 -4.70
C THR A 10 -4.80 -2.39 -5.13
N GLU A 11 -4.70 -2.60 -6.45
CA GLU A 11 -3.80 -3.62 -7.01
C GLU A 11 -2.33 -3.31 -6.70
N ASN A 12 -1.99 -2.02 -6.58
CA ASN A 12 -0.62 -1.60 -6.27
C ASN A 12 -0.25 -1.97 -4.83
N PRO A 13 1.05 -2.27 -4.54
CA PRO A 13 1.49 -2.63 -3.17
C PRO A 13 1.85 -1.39 -2.35
N CYS A 14 1.09 -0.30 -2.53
CA CYS A 14 1.35 0.94 -1.79
C CYS A 14 1.19 0.69 -0.30
N ALA A 15 0.12 -0.03 0.06
CA ALA A 15 -0.16 -0.37 1.46
C ALA A 15 0.91 -1.29 2.02
N GLN A 16 1.36 -2.22 1.22
CA GLN A 16 2.44 -3.11 1.63
C GLN A 16 3.70 -2.28 1.90
N ARG A 17 3.90 -1.24 1.06
CA ARG A 17 5.04 -0.35 1.20
C ARG A 17 4.92 0.50 2.48
N CYS A 18 3.72 1.05 2.74
CA CYS A 18 3.51 1.90 3.93
C CYS A 18 3.68 1.07 5.22
N LEU A 19 3.25 -0.18 5.17
CA LEU A 19 3.31 -1.09 6.30
C LEU A 19 4.74 -1.50 6.61
N GLN A 20 5.51 -1.78 5.54
CA GLN A 20 6.90 -2.17 5.70
C GLN A 20 7.68 -1.03 6.37
N SER A 21 7.39 0.21 5.96
CA SER A 21 8.04 1.38 6.52
C SER A 21 7.63 1.58 7.99
N CYS A 22 6.35 1.30 8.29
CA CYS A 22 5.84 1.42 9.66
C CYS A 22 6.55 0.45 10.59
N GLN A 23 6.78 -0.77 10.09
CA GLN A 23 7.46 -1.81 10.88
C GLN A 23 8.88 -1.42 11.21
N GLN A 24 9.55 -0.80 10.23
CA GLN A 24 10.95 -0.41 10.38
C GLN A 24 11.12 0.70 11.41
N GLU A 25 10.11 1.58 11.53
CA GLU A 25 10.18 2.70 12.49
C GLU A 25 10.09 2.20 13.96
N PRO A 26 11.12 2.42 14.82
CA PRO A 26 11.07 2.01 16.26
C PRO A 26 9.93 2.69 17.01
N ASP A 27 9.66 3.97 16.65
CA ASP A 27 8.63 4.76 17.32
C ASP A 27 7.24 4.16 17.15
N ASP A 28 6.48 4.13 18.26
CA ASP A 28 5.11 3.60 18.23
C ASP A 28 4.13 4.67 17.77
N LEU A 29 4.34 5.91 18.24
CA LEU A 29 3.50 7.03 17.85
C LEU A 29 3.63 7.27 16.36
N LYS A 30 4.87 7.22 15.87
CA LYS A 30 5.14 7.37 14.44
C LYS A 30 4.43 6.24 13.69
N GLN A 31 4.48 5.03 14.27
CA GLN A 31 3.83 3.86 13.69
C GLN A 31 2.31 4.08 13.58
N LYS A 32 1.74 4.70 14.62
CA LYS A 32 0.29 4.99 14.64
C LYS A 32 -0.06 6.01 13.55
N ALA A 33 0.80 7.03 13.44
CA ALA A 33 0.61 8.08 12.47
C ALA A 33 0.72 7.57 11.04
N CYS A 34 1.67 6.65 10.80
CA CYS A 34 1.90 6.13 9.44
C CYS A 34 0.79 5.17 9.00
N GLU A 35 0.31 4.35 9.93
CA GLU A 35 -0.73 3.38 9.63
C GLU A 35 -2.05 4.11 9.27
N SER A 36 -2.39 5.14 10.05
CA SER A 36 -3.60 5.92 9.81
C SER A 36 -3.52 6.63 8.46
N ARG A 37 -2.37 7.24 8.20
CA ARG A 37 -2.13 7.93 6.95
C ARG A 37 -2.19 6.95 5.79
N CYS A 38 -1.64 5.74 5.97
CA CYS A 38 -1.66 4.73 4.92
C CYS A 38 -3.11 4.38 4.54
N THR A 39 -3.94 4.20 5.56
CA THR A 39 -5.35 3.86 5.36
C THR A 39 -6.10 5.01 4.76
N LYS A 40 -5.71 6.24 5.14
CA LYS A 40 -6.32 7.41 4.56
C LYS A 40 -5.90 7.54 3.11
N LEU A 41 -4.63 7.21 2.84
CA LEU A 41 -4.08 7.27 1.49
C LEU A 41 -4.50 6.06 0.62
N GLU A 42 -5.14 5.06 1.24
CA GLU A 42 -5.53 3.83 0.53
C GLU A 42 -6.44 4.18 -0.65
N TYR A 43 -7.37 5.12 -0.43
CA TYR A 43 -8.28 5.55 -1.47
C TYR A 43 -7.68 6.73 -2.25
N ASP A 44 -6.93 6.43 -3.31
CA ASP A 44 -6.31 7.47 -4.13
C ASP A 44 -5.99 6.95 -5.57
N PRO A 45 -6.16 7.78 -6.63
CA PRO A 45 -5.85 7.37 -8.04
C PRO A 45 -4.37 7.06 -8.28
N ARG A 46 -3.50 7.65 -7.45
CA ARG A 46 -2.04 7.52 -7.63
C ARG A 46 -1.57 6.07 -7.54
N CYS A 47 -2.28 5.25 -6.75
CA CYS A 47 -1.93 3.82 -6.63
C CYS A 47 -2.79 2.91 -7.53
N VAL A 48 -3.57 3.53 -8.45
CA VAL A 48 -4.40 2.76 -9.40
C VAL A 48 -4.10 3.21 -10.84
N TYR A 49 -3.63 2.26 -11.68
CA TYR A 49 -3.30 2.57 -13.08
C TYR A 49 -4.55 2.84 -13.92
N ASP A 50 -5.58 2.00 -13.72
CA ASP A 50 -6.83 2.13 -14.49
C ASP A 50 -7.82 3.10 -13.81
N PRO A 51 -8.77 3.71 -14.55
CA PRO A 51 -9.76 4.65 -13.95
C PRO A 51 -10.90 3.91 -13.24
N ARG A 52 -11.47 2.90 -13.91
CA ARG A 52 -12.57 2.11 -13.36
C ARG A 52 -12.13 1.30 -12.14
N GLY A 53 -10.92 0.75 -12.22
CA GLY A 53 -10.37 -0.08 -11.14
C GLY A 53 -10.75 -1.55 -11.35
N HIS A 54 -10.02 -2.44 -10.67
CA HIS A 54 -10.26 -3.88 -10.77
C HIS A 54 -11.62 -4.24 -10.15
N THR A 55 -12.37 -5.11 -10.84
CA THR A 55 -13.68 -5.55 -10.36
C THR A 55 -13.54 -6.64 -9.30
N GLY A 56 -14.52 -6.73 -8.40
CA GLY A 56 -14.49 -7.72 -7.32
C GLY A 56 -15.72 -7.58 -6.42
N THR A 57 -15.72 -8.34 -5.31
CA THR A 57 -16.82 -8.32 -4.36
C THR A 57 -16.32 -8.58 -2.93
N THR A 58 -17.09 -8.09 -1.94
CA THR A 58 -16.73 -8.26 -0.54
C THR A 58 -17.98 -8.47 0.33
N ASN A 59 -17.80 -9.15 1.46
CA ASN A 59 -18.91 -9.44 2.38
C ASN A 59 -18.39 -9.69 3.79
N GLY A 1 -10.27 -12.70 2.26
CA GLY A 1 -8.95 -12.04 2.09
C GLY A 1 -7.86 -13.08 1.99
N LYS A 2 -6.67 -12.66 1.54
CA LYS A 2 -5.51 -13.55 1.41
C LYS A 2 -5.89 -14.76 0.53
N SER A 3 -5.67 -14.61 -0.78
CA SER A 3 -5.99 -15.67 -1.75
C SER A 3 -4.78 -16.00 -2.63
N SER A 4 -4.84 -17.16 -3.29
CA SER A 4 -3.75 -17.63 -4.18
C SER A 4 -2.57 -18.20 -3.35
N PRO A 5 -1.74 -19.10 -3.92
CA PRO A 5 -0.59 -19.72 -3.17
C PRO A 5 0.62 -18.77 -3.05
N TYR A 6 0.35 -17.53 -2.61
CA TYR A 6 1.39 -16.52 -2.40
C TYR A 6 2.30 -16.40 -3.63
N GLN A 7 3.29 -15.50 -3.54
CA GLN A 7 4.24 -15.27 -4.63
C GLN A 7 5.67 -15.17 -4.09
N LYS A 8 6.65 -15.55 -4.91
CA LYS A 8 8.06 -15.48 -4.50
C LYS A 8 8.46 -14.04 -4.20
N LYS A 9 7.96 -13.11 -5.02
CA LYS A 9 8.23 -11.68 -4.83
C LYS A 9 7.05 -11.03 -4.12
N THR A 10 7.34 -9.99 -3.32
CA THR A 10 6.30 -9.30 -2.55
C THR A 10 5.24 -8.71 -3.48
N GLU A 11 5.67 -7.80 -4.37
CA GLU A 11 4.77 -7.15 -5.33
C GLU A 11 3.46 -6.67 -4.66
N ASN A 12 3.53 -6.40 -3.34
CA ASN A 12 2.38 -5.93 -2.58
C ASN A 12 2.05 -4.46 -2.90
N PRO A 13 0.77 -4.03 -2.73
CA PRO A 13 0.39 -2.60 -2.91
C PRO A 13 1.23 -1.71 -2.00
N CYS A 14 1.26 -0.43 -2.35
CA CYS A 14 2.05 0.54 -1.61
C CYS A 14 1.61 0.67 -0.15
N ALA A 15 0.37 0.26 0.17
CA ALA A 15 -0.11 0.32 1.55
C ALA A 15 0.68 -0.60 2.44
N GLN A 16 0.92 -1.81 1.94
CA GLN A 16 1.77 -2.77 2.61
C GLN A 16 3.19 -2.22 2.68
N ARG A 17 3.60 -1.52 1.60
CA ARG A 17 4.94 -0.93 1.52
C ARG A 17 5.13 0.12 2.63
N CYS A 18 4.10 0.97 2.83
CA CYS A 18 4.18 2.02 3.85
C CYS A 18 4.26 1.40 5.26
N LEU A 19 3.57 0.27 5.44
CA LEU A 19 3.58 -0.47 6.69
C LEU A 19 4.96 -1.03 6.99
N GLN A 20 5.58 -1.64 5.98
CA GLN A 20 6.89 -2.26 6.14
C GLN A 20 7.93 -1.23 6.58
N SER A 21 7.87 -0.04 5.96
CA SER A 21 8.82 1.03 6.29
C SER A 21 8.63 1.48 7.74
N CYS A 22 7.37 1.60 8.15
CA CYS A 22 7.02 2.00 9.50
C CYS A 22 7.40 0.94 10.54
N GLN A 23 7.26 -0.34 10.15
CA GLN A 23 7.67 -1.45 11.03
C GLN A 23 9.14 -1.35 11.37
N GLN A 24 9.93 -0.96 10.36
CA GLN A 24 11.37 -0.78 10.53
C GLN A 24 11.65 0.38 11.51
N GLU A 25 10.77 1.40 11.50
CA GLU A 25 10.91 2.53 12.43
C GLU A 25 10.64 2.08 13.89
N PRO A 26 11.50 2.44 14.88
CA PRO A 26 11.31 2.01 16.31
C PRO A 26 10.19 2.78 17.03
N ASP A 27 9.74 3.90 16.43
CA ASP A 27 8.72 4.74 17.07
C ASP A 27 7.30 4.20 16.88
N ASP A 28 6.61 3.95 18.00
CA ASP A 28 5.24 3.45 17.98
C ASP A 28 4.25 4.53 17.57
N LEU A 29 4.53 5.78 18.00
CA LEU A 29 3.65 6.89 17.70
C LEU A 29 3.59 7.10 16.18
N LYS A 30 4.75 7.06 15.53
CA LYS A 30 4.82 7.18 14.07
C LYS A 30 4.07 6.01 13.41
N GLN A 31 4.19 4.82 14.02
CA GLN A 31 3.48 3.63 13.52
C GLN A 31 1.96 3.88 13.51
N LYS A 32 1.46 4.57 14.55
CA LYS A 32 0.03 4.87 14.65
C LYS A 32 -0.38 5.77 13.49
N ALA A 33 0.45 6.77 13.22
CA ALA A 33 0.24 7.69 12.12
C ALA A 33 0.31 6.97 10.78
N CYS A 34 1.22 5.99 10.69
CA CYS A 34 1.45 5.25 9.45
C CYS A 34 0.20 4.52 8.99
N GLU A 35 -0.45 3.81 9.91
CA GLU A 35 -1.63 3.05 9.59
C GLU A 35 -2.78 3.98 9.19
N SER A 36 -2.97 5.05 9.97
CA SER A 36 -4.05 6.00 9.71
C SER A 36 -3.87 6.71 8.37
N ARG A 37 -2.65 7.19 8.12
CA ARG A 37 -2.35 7.90 6.90
C ARG A 37 -2.51 7.00 5.70
N CYS A 38 -1.99 5.77 5.78
CA CYS A 38 -2.04 4.86 4.64
C CYS A 38 -3.48 4.53 4.26
N THR A 39 -4.36 4.37 5.26
CA THR A 39 -5.78 4.11 5.00
C THR A 39 -6.48 5.39 4.55
N LYS A 40 -6.03 6.54 5.06
CA LYS A 40 -6.61 7.80 4.65
C LYS A 40 -6.24 8.14 3.22
N LEU A 41 -4.99 7.83 2.85
CA LEU A 41 -4.51 8.10 1.50
C LEU A 41 -5.33 7.35 0.47
N GLU A 42 -5.67 6.09 0.78
CA GLU A 42 -6.48 5.24 -0.11
C GLU A 42 -5.78 4.98 -1.46
N TYR A 43 -5.79 5.98 -2.35
CA TYR A 43 -5.18 5.84 -3.67
C TYR A 43 -3.82 6.54 -3.72
N ASP A 44 -2.84 5.86 -4.30
CA ASP A 44 -1.49 6.42 -4.43
C ASP A 44 -1.14 6.69 -5.92
N PRO A 45 -1.09 7.97 -6.37
CA PRO A 45 -0.75 8.28 -7.79
C PRO A 45 0.71 7.93 -8.13
N ARG A 46 1.55 7.81 -7.09
CA ARG A 46 2.96 7.49 -7.27
C ARG A 46 3.18 5.97 -7.48
N CYS A 47 2.12 5.17 -7.32
CA CYS A 47 2.21 3.71 -7.50
C CYS A 47 1.47 3.28 -8.77
N VAL A 48 0.49 4.08 -9.19
CA VAL A 48 -0.29 3.81 -10.38
C VAL A 48 -0.42 5.07 -11.25
N TYR A 49 -0.75 4.87 -12.52
CA TYR A 49 -0.91 6.00 -13.45
C TYR A 49 -2.25 6.70 -13.20
N ASP A 50 -2.18 7.93 -12.67
CA ASP A 50 -3.37 8.70 -12.35
C ASP A 50 -3.83 9.55 -13.57
N PRO A 51 -5.01 9.27 -14.18
CA PRO A 51 -5.51 10.08 -15.34
C PRO A 51 -5.63 11.57 -14.99
N ARG A 52 -6.00 11.83 -13.72
CA ARG A 52 -6.17 13.20 -13.24
C ARG A 52 -4.85 13.97 -13.35
N GLY A 53 -3.74 13.32 -12.98
CA GLY A 53 -2.41 13.95 -13.03
C GLY A 53 -2.03 14.32 -14.47
N HIS A 54 -1.31 15.43 -14.60
CA HIS A 54 -0.88 15.91 -15.93
C HIS A 54 0.25 15.04 -16.50
N THR A 55 0.39 15.06 -17.83
CA THR A 55 1.43 14.29 -18.52
C THR A 55 2.25 15.20 -19.43
N GLY A 56 3.58 15.12 -19.31
CA GLY A 56 4.48 15.94 -20.13
C GLY A 56 4.60 15.37 -21.53
N THR A 57 5.12 16.20 -22.45
CA THR A 57 5.30 15.80 -23.85
C THR A 57 6.48 16.54 -24.49
N THR A 58 7.02 15.97 -25.57
CA THR A 58 8.15 16.58 -26.28
C THR A 58 8.03 16.36 -27.78
N ASN A 59 8.57 17.32 -28.56
CA ASN A 59 8.53 17.23 -30.02
C ASN A 59 9.75 16.50 -30.55
N GLY A 1 -17.30 0.19 -23.90
CA GLY A 1 -18.07 1.05 -22.96
C GLY A 1 -17.23 2.26 -22.58
N LYS A 2 -16.55 2.85 -23.57
CA LYS A 2 -15.70 4.03 -23.35
C LYS A 2 -14.44 3.66 -22.53
N SER A 3 -14.65 3.36 -21.23
CA SER A 3 -13.55 3.02 -20.34
C SER A 3 -12.96 1.65 -20.68
N SER A 4 -11.72 1.42 -20.24
CA SER A 4 -11.02 0.15 -20.48
C SER A 4 -10.41 -0.39 -19.16
N PRO A 5 -10.82 -1.58 -18.67
CA PRO A 5 -10.26 -2.15 -17.39
C PRO A 5 -8.80 -2.60 -17.55
N TYR A 6 -8.02 -2.47 -16.47
CA TYR A 6 -6.60 -2.87 -16.48
C TYR A 6 -6.31 -4.04 -15.53
N GLN A 7 -7.27 -4.38 -14.66
CA GLN A 7 -7.11 -5.48 -13.70
C GLN A 7 -5.90 -5.21 -12.77
N LYS A 8 -6.14 -4.44 -11.70
CA LYS A 8 -5.08 -4.11 -10.73
C LYS A 8 -5.05 -5.07 -9.52
N LYS A 9 -5.98 -6.04 -9.49
CA LYS A 9 -6.07 -7.01 -8.39
C LYS A 9 -6.32 -6.30 -7.05
N THR A 10 -6.90 -7.05 -6.11
CA THR A 10 -7.25 -6.52 -4.78
C THR A 10 -5.99 -6.17 -3.99
N GLU A 11 -4.96 -7.02 -4.10
CA GLU A 11 -3.72 -6.82 -3.35
C GLU A 11 -3.01 -5.54 -3.81
N ASN A 12 -3.48 -4.39 -3.30
CA ASN A 12 -2.89 -3.09 -3.64
C ASN A 12 -1.45 -2.98 -3.08
N PRO A 13 -0.54 -2.24 -3.76
CA PRO A 13 0.89 -2.12 -3.29
C PRO A 13 1.12 -1.00 -2.27
N CYS A 14 0.25 0.02 -2.26
CA CYS A 14 0.44 1.18 -1.35
C CYS A 14 0.40 0.78 0.11
N ALA A 15 -0.59 -0.04 0.49
CA ALA A 15 -0.76 -0.45 1.88
C ALA A 15 0.40 -1.28 2.37
N GLN A 16 0.82 -2.22 1.54
CA GLN A 16 1.95 -3.07 1.86
C GLN A 16 3.21 -2.23 1.97
N ARG A 17 3.33 -1.23 1.08
CA ARG A 17 4.50 -0.35 1.06
C ARG A 17 4.55 0.49 2.32
N CYS A 18 3.41 1.11 2.64
CA CYS A 18 3.31 1.95 3.83
C CYS A 18 3.55 1.14 5.10
N LEU A 19 2.93 -0.03 5.16
CA LEU A 19 3.04 -0.92 6.32
C LEU A 19 4.50 -1.31 6.55
N GLN A 20 5.23 -1.58 5.47
CA GLN A 20 6.65 -1.93 5.59
C GLN A 20 7.40 -0.77 6.23
N SER A 21 7.05 0.46 5.81
CA SER A 21 7.66 1.67 6.36
C SER A 21 7.33 1.82 7.84
N CYS A 22 6.08 1.48 8.19
CA CYS A 22 5.59 1.60 9.58
C CYS A 22 6.44 0.71 10.49
N GLN A 23 6.73 -0.51 10.00
CA GLN A 23 7.53 -1.48 10.75
C GLN A 23 8.93 -0.96 11.00
N GLN A 24 9.48 -0.28 10.00
CA GLN A 24 10.84 0.25 10.08
C GLN A 24 10.96 1.35 11.13
N GLU A 25 9.87 2.12 11.34
CA GLU A 25 9.87 3.20 12.33
C GLU A 25 10.09 2.62 13.75
N PRO A 26 11.13 3.08 14.51
CA PRO A 26 11.42 2.52 15.88
C PRO A 26 10.39 2.96 16.95
N ASP A 27 9.62 4.01 16.65
CA ASP A 27 8.64 4.54 17.62
C ASP A 27 7.23 4.04 17.34
N ASP A 28 6.51 3.69 18.42
CA ASP A 28 5.14 3.19 18.31
C ASP A 28 4.17 4.32 17.98
N LEU A 29 4.39 5.49 18.58
CA LEU A 29 3.54 6.64 18.36
C LEU A 29 3.57 7.06 16.90
N LYS A 30 4.79 7.14 16.34
CA LYS A 30 4.96 7.45 14.93
C LYS A 30 4.30 6.37 14.08
N GLN A 31 4.40 5.11 14.53
CA GLN A 31 3.79 3.98 13.83
C GLN A 31 2.28 4.15 13.76
N LYS A 32 1.67 4.68 14.84
CA LYS A 32 0.22 4.90 14.86
C LYS A 32 -0.16 5.89 13.76
N ALA A 33 0.63 6.95 13.66
CA ALA A 33 0.46 7.94 12.59
C ALA A 33 0.71 7.30 11.24
N CYS A 34 1.71 6.40 11.20
CA CYS A 34 2.09 5.71 9.96
C CYS A 34 0.92 4.91 9.42
N GLU A 35 0.24 4.16 10.30
CA GLU A 35 -0.87 3.32 9.90
C GLU A 35 -2.01 4.17 9.31
N SER A 36 -2.28 5.32 9.95
CA SER A 36 -3.33 6.24 9.45
C SER A 36 -2.98 6.71 8.03
N ARG A 37 -1.71 6.98 7.82
CA ARG A 37 -1.19 7.38 6.53
C ARG A 37 -1.39 6.25 5.50
N CYS A 38 -1.16 4.99 5.95
CA CYS A 38 -1.28 3.83 5.05
C CYS A 38 -2.69 3.72 4.50
N THR A 39 -3.67 3.92 5.39
CA THR A 39 -5.07 3.84 5.01
C THR A 39 -5.51 5.06 4.24
N LYS A 40 -4.90 6.21 4.56
CA LYS A 40 -5.24 7.42 3.86
C LYS A 40 -4.71 7.40 2.44
N LEU A 41 -3.48 6.88 2.29
CA LEU A 41 -2.85 6.81 0.98
C LEU A 41 -3.59 5.88 0.02
N GLU A 42 -4.02 4.73 0.54
CA GLU A 42 -4.76 3.74 -0.28
C GLU A 42 -6.18 4.23 -0.61
N TYR A 43 -6.68 5.20 0.18
CA TYR A 43 -8.01 5.75 -0.03
C TYR A 43 -8.10 6.43 -1.40
N ASP A 44 -7.02 7.11 -1.80
CA ASP A 44 -6.97 7.81 -3.07
C ASP A 44 -7.12 6.82 -4.25
N PRO A 45 -7.80 7.20 -5.36
CA PRO A 45 -8.02 6.28 -6.54
C PRO A 45 -6.71 5.77 -7.17
N ARG A 46 -5.62 6.55 -7.01
CA ARG A 46 -4.34 6.19 -7.62
C ARG A 46 -3.86 4.83 -7.12
N CYS A 47 -3.94 4.61 -5.80
CA CYS A 47 -3.55 3.34 -5.22
C CYS A 47 -4.50 2.22 -5.62
N VAL A 48 -5.81 2.53 -5.61
CA VAL A 48 -6.83 1.54 -5.99
C VAL A 48 -7.81 2.15 -7.01
N TYR A 49 -7.81 1.60 -8.22
CA TYR A 49 -8.72 2.05 -9.28
C TYR A 49 -9.84 1.04 -9.48
N ASP A 50 -9.46 -0.23 -9.54
CA ASP A 50 -10.41 -1.33 -9.75
C ASP A 50 -11.38 -1.47 -8.54
N PRO A 51 -12.72 -1.47 -8.75
CA PRO A 51 -13.71 -1.63 -7.62
C PRO A 51 -13.47 -2.91 -6.80
N ARG A 52 -12.82 -3.89 -7.43
CA ARG A 52 -12.53 -5.18 -6.77
C ARG A 52 -11.57 -5.00 -5.57
N GLY A 53 -10.95 -3.81 -5.45
CA GLY A 53 -10.02 -3.53 -4.34
C GLY A 53 -10.79 -3.31 -3.05
N HIS A 54 -10.10 -2.77 -2.04
CA HIS A 54 -10.73 -2.53 -0.72
C HIS A 54 -11.96 -1.64 -0.85
N THR A 55 -13.04 -2.03 -0.17
CA THR A 55 -14.31 -1.28 -0.21
C THR A 55 -14.28 -0.11 0.77
N GLY A 56 -15.24 0.82 0.60
CA GLY A 56 -15.35 1.98 1.46
C GLY A 56 -16.62 1.92 2.30
N THR A 57 -16.50 2.33 3.58
CA THR A 57 -17.65 2.32 4.50
C THR A 57 -17.78 3.66 5.23
N THR A 58 -18.97 3.93 5.76
CA THR A 58 -19.23 5.17 6.49
C THR A 58 -19.89 4.88 7.84
N ASN A 59 -19.80 5.86 8.75
CA ASN A 59 -20.39 5.72 10.09
C ASN A 59 -21.82 6.26 10.12
N GLY A 1 0.47 8.55 -20.07
CA GLY A 1 -0.85 8.64 -20.77
C GLY A 1 -1.34 7.26 -21.15
N LYS A 2 -0.75 6.70 -22.22
CA LYS A 2 -1.11 5.37 -22.70
C LYS A 2 -0.81 4.32 -21.63
N SER A 3 0.34 4.48 -20.94
CA SER A 3 0.76 3.54 -19.90
C SER A 3 1.08 2.18 -20.49
N SER A 4 2.36 1.77 -20.34
CA SER A 4 2.83 0.50 -20.87
C SER A 4 2.02 -0.71 -20.29
N PRO A 5 1.84 -0.81 -18.95
CA PRO A 5 1.08 -1.95 -18.34
C PRO A 5 -0.42 -1.87 -18.63
N TYR A 6 -1.06 -3.04 -18.74
CA TYR A 6 -2.50 -3.12 -19.04
C TYR A 6 -3.26 -3.77 -17.88
N GLN A 7 -2.80 -4.96 -17.48
CA GLN A 7 -3.45 -5.71 -16.41
C GLN A 7 -3.14 -5.13 -15.02
N LYS A 8 -4.13 -5.16 -14.14
CA LYS A 8 -3.97 -4.65 -12.77
C LYS A 8 -4.93 -5.36 -11.81
N LYS A 9 -4.55 -5.44 -10.52
CA LYS A 9 -5.36 -6.14 -9.51
C LYS A 9 -5.44 -5.35 -8.22
N THR A 10 -6.51 -5.62 -7.43
CA THR A 10 -6.69 -4.99 -6.12
C THR A 10 -5.60 -5.46 -5.15
N GLU A 11 -5.73 -5.12 -3.86
CA GLU A 11 -4.74 -5.49 -2.84
C GLU A 11 -3.38 -4.88 -3.19
N ASN A 12 -3.35 -3.54 -3.27
CA ASN A 12 -2.15 -2.80 -3.65
C ASN A 12 -0.99 -3.06 -2.65
N PRO A 13 0.25 -3.33 -3.13
CA PRO A 13 1.43 -3.54 -2.22
C PRO A 13 1.92 -2.25 -1.56
N CYS A 14 1.34 -1.10 -1.96
CA CYS A 14 1.74 0.19 -1.42
C CYS A 14 1.49 0.25 0.07
N ALA A 15 0.33 -0.28 0.50
CA ALA A 15 -0.01 -0.32 1.92
C ALA A 15 0.98 -1.18 2.69
N GLN A 16 1.38 -2.28 2.08
CA GLN A 16 2.41 -3.13 2.67
C GLN A 16 3.71 -2.33 2.79
N ARG A 17 3.97 -1.48 1.78
CA ARG A 17 5.17 -0.65 1.76
C ARG A 17 5.13 0.43 2.86
N CYS A 18 3.96 1.09 3.02
CA CYS A 18 3.81 2.15 4.04
C CYS A 18 3.92 1.55 5.45
N LEU A 19 3.34 0.36 5.61
CA LEU A 19 3.37 -0.36 6.89
C LEU A 19 4.78 -0.90 7.18
N GLN A 20 5.39 -1.48 6.15
CA GLN A 20 6.72 -2.07 6.29
C GLN A 20 7.74 -1.03 6.70
N SER A 21 7.66 0.14 6.07
CA SER A 21 8.60 1.22 6.38
C SER A 21 8.46 1.69 7.83
N CYS A 22 7.21 1.95 8.24
CA CYS A 22 6.93 2.43 9.58
C CYS A 22 7.25 1.41 10.67
N GLN A 23 6.94 0.12 10.41
CA GLN A 23 7.20 -0.93 11.43
C GLN A 23 8.68 -1.13 11.66
N GLN A 24 9.47 -0.96 10.61
CA GLN A 24 10.93 -1.08 10.71
C GLN A 24 11.50 0.06 11.55
N GLU A 25 10.87 1.24 11.48
CA GLU A 25 11.30 2.39 12.27
C GLU A 25 11.00 2.14 13.78
N PRO A 26 11.84 2.65 14.72
CA PRO A 26 11.62 2.43 16.19
C PRO A 26 10.41 3.20 16.74
N ASP A 27 9.98 4.24 16.00
CA ASP A 27 8.84 5.09 16.41
C ASP A 27 7.51 4.34 16.28
N ASP A 28 7.07 3.71 17.39
CA ASP A 28 5.79 3.00 17.42
C ASP A 28 4.63 3.96 17.22
N LEU A 29 4.73 5.13 17.84
CA LEU A 29 3.70 6.15 17.72
C LEU A 29 3.54 6.55 16.27
N LYS A 30 4.67 6.68 15.56
CA LYS A 30 4.68 6.99 14.15
C LYS A 30 3.91 5.91 13.38
N GLN A 31 4.09 4.65 13.79
CA GLN A 31 3.44 3.51 13.14
C GLN A 31 1.91 3.63 13.19
N LYS A 32 1.40 4.08 14.35
CA LYS A 32 -0.06 4.26 14.50
C LYS A 32 -0.56 5.34 13.53
N ALA A 33 0.22 6.42 13.43
CA ALA A 33 -0.05 7.50 12.49
C ALA A 33 0.02 6.98 11.06
N CYS A 34 1.00 6.08 10.82
CA CYS A 34 1.23 5.53 9.50
C CYS A 34 0.03 4.76 9.01
N GLU A 35 -0.59 3.97 9.90
CA GLU A 35 -1.75 3.18 9.54
C GLU A 35 -2.89 4.10 9.11
N SER A 36 -3.14 5.16 9.89
CA SER A 36 -4.23 6.10 9.59
C SER A 36 -3.95 6.89 8.31
N ARG A 37 -2.70 7.31 8.12
CA ARG A 37 -2.28 8.06 6.95
C ARG A 37 -2.36 7.19 5.70
N CYS A 38 -1.89 5.95 5.82
CA CYS A 38 -1.88 5.02 4.69
C CYS A 38 -3.30 4.76 4.21
N THR A 39 -4.22 4.59 5.16
CA THR A 39 -5.63 4.35 4.85
C THR A 39 -6.29 5.61 4.31
N LYS A 40 -5.88 6.77 4.83
CA LYS A 40 -6.43 8.01 4.37
C LYS A 40 -5.97 8.35 2.96
N LEU A 41 -4.68 8.05 2.69
CA LEU A 41 -4.10 8.34 1.38
C LEU A 41 -4.80 7.56 0.26
N GLU A 42 -5.14 6.29 0.55
CA GLU A 42 -5.82 5.44 -0.44
C GLU A 42 -5.01 5.35 -1.74
N TYR A 43 -4.12 4.35 -1.82
CA TYR A 43 -3.27 4.16 -3.00
C TYR A 43 -4.08 3.62 -4.18
N ASP A 44 -3.70 4.07 -5.38
CA ASP A 44 -4.38 3.68 -6.62
C ASP A 44 -4.09 2.20 -7.01
N PRO A 45 -4.98 1.54 -7.80
CA PRO A 45 -4.77 0.12 -8.23
C PRO A 45 -3.45 -0.08 -9.02
N ARG A 46 -2.96 1.00 -9.62
CA ARG A 46 -1.72 0.95 -10.43
C ARG A 46 -0.48 0.57 -9.58
N CYS A 47 -0.65 0.49 -8.25
CA CYS A 47 0.45 0.17 -7.34
C CYS A 47 1.13 -1.17 -7.68
N VAL A 48 0.43 -2.06 -8.44
CA VAL A 48 0.96 -3.40 -8.79
C VAL A 48 2.48 -3.36 -9.05
N TYR A 49 3.24 -3.78 -8.02
CA TYR A 49 4.70 -3.77 -8.07
C TYR A 49 5.22 -4.68 -9.20
N ASP A 50 4.69 -5.91 -9.27
CA ASP A 50 5.14 -6.89 -10.27
C ASP A 50 4.84 -6.38 -11.71
N PRO A 51 5.84 -6.31 -12.61
CA PRO A 51 5.62 -5.83 -14.03
C PRO A 51 4.84 -6.85 -14.87
N ARG A 52 4.86 -8.12 -14.46
CA ARG A 52 4.19 -9.19 -15.21
C ARG A 52 2.69 -8.92 -15.29
N GLY A 53 2.11 -8.52 -14.16
CA GLY A 53 0.67 -8.19 -14.11
C GLY A 53 -0.18 -9.36 -14.60
N HIS A 54 0.29 -10.60 -14.38
CA HIS A 54 -0.43 -11.79 -14.85
C HIS A 54 -1.81 -11.87 -14.17
N THR A 55 -2.85 -12.01 -14.98
CA THR A 55 -4.23 -12.11 -14.48
C THR A 55 -4.50 -13.52 -13.95
N GLY A 56 -5.07 -13.59 -12.74
CA GLY A 56 -5.39 -14.87 -12.11
C GLY A 56 -6.52 -15.58 -12.85
N THR A 57 -6.61 -16.90 -12.64
CA THR A 57 -7.65 -17.72 -13.28
C THR A 57 -9.06 -17.27 -12.88
N THR A 58 -9.19 -16.78 -11.64
CA THR A 58 -10.49 -16.32 -11.12
C THR A 58 -10.44 -14.81 -10.84
N ASN A 59 -11.43 -14.08 -11.38
CA ASN A 59 -11.50 -12.63 -11.19
C ASN A 59 -12.86 -12.23 -10.61
N GLY A 1 22.07 -24.72 -14.06
CA GLY A 1 23.55 -24.50 -14.09
C GLY A 1 24.10 -24.61 -12.67
N LYS A 2 24.93 -23.63 -12.30
CA LYS A 2 25.54 -23.60 -10.97
C LYS A 2 24.47 -23.50 -9.88
N SER A 3 23.43 -22.69 -10.16
CA SER A 3 22.35 -22.48 -9.20
C SER A 3 21.05 -22.16 -9.94
N SER A 4 19.99 -21.83 -9.17
CA SER A 4 18.68 -21.51 -9.74
C SER A 4 18.31 -20.05 -9.41
N PRO A 5 18.70 -19.06 -10.26
CA PRO A 5 18.42 -17.61 -9.99
C PRO A 5 16.92 -17.29 -9.84
N TYR A 6 16.60 -16.41 -8.88
CA TYR A 6 15.22 -15.96 -8.65
C TYR A 6 15.16 -14.43 -8.64
N GLN A 7 13.99 -13.89 -8.99
CA GLN A 7 13.77 -12.44 -8.97
C GLN A 7 12.58 -12.10 -8.07
N LYS A 8 12.73 -11.04 -7.26
CA LYS A 8 11.69 -10.65 -6.31
C LYS A 8 11.03 -9.32 -6.70
N LYS A 9 9.94 -9.40 -7.47
CA LYS A 9 9.18 -8.22 -7.87
C LYS A 9 8.29 -7.78 -6.70
N THR A 10 8.27 -6.46 -6.44
CA THR A 10 7.48 -5.92 -5.31
C THR A 10 6.08 -6.54 -5.22
N GLU A 11 5.29 -6.42 -6.30
CA GLU A 11 3.93 -7.03 -6.38
C GLU A 11 2.91 -6.35 -5.44
N ASN A 12 3.28 -6.16 -4.16
CA ASN A 12 2.38 -5.59 -3.16
C ASN A 12 2.07 -4.11 -3.43
N PRO A 13 0.94 -3.59 -2.89
CA PRO A 13 0.58 -2.16 -3.03
C PRO A 13 1.54 -1.28 -2.25
N CYS A 14 1.49 0.00 -2.55
CA CYS A 14 2.31 0.99 -1.87
C CYS A 14 1.97 1.04 -0.38
N ALA A 15 0.72 0.63 -0.04
CA ALA A 15 0.29 0.61 1.36
C ALA A 15 1.06 -0.43 2.15
N GLN A 16 1.26 -1.59 1.52
CA GLN A 16 2.07 -2.63 2.13
C GLN A 16 3.49 -2.09 2.33
N ARG A 17 3.96 -1.29 1.35
CA ARG A 17 5.28 -0.70 1.43
C ARG A 17 5.37 0.30 2.60
N CYS A 18 4.35 1.15 2.74
CA CYS A 18 4.34 2.14 3.82
C CYS A 18 4.16 1.48 5.19
N LEU A 19 3.41 0.35 5.21
CA LEU A 19 3.18 -0.41 6.44
C LEU A 19 4.46 -1.10 6.89
N GLN A 20 5.16 -1.72 5.93
CA GLN A 20 6.42 -2.42 6.21
C GLN A 20 7.46 -1.43 6.74
N SER A 21 7.49 -0.25 6.12
CA SER A 21 8.41 0.82 6.53
C SER A 21 8.12 1.23 7.97
N CYS A 22 6.84 1.37 8.29
CA CYS A 22 6.41 1.76 9.63
C CYS A 22 6.84 0.74 10.67
N GLN A 23 6.72 -0.55 10.30
CA GLN A 23 7.08 -1.64 11.20
C GLN A 23 8.56 -1.58 11.56
N GLN A 24 9.38 -1.24 10.58
CA GLN A 24 10.83 -1.16 10.74
C GLN A 24 11.23 0.01 11.66
N GLU A 25 10.45 1.10 11.62
CA GLU A 25 10.74 2.29 12.42
C GLU A 25 10.45 2.04 13.93
N PRO A 26 11.42 2.28 14.85
CA PRO A 26 11.21 2.09 16.33
C PRO A 26 10.05 2.95 16.87
N ASP A 27 9.83 4.11 16.24
CA ASP A 27 8.78 5.04 16.69
C ASP A 27 7.39 4.40 16.62
N ASP A 28 6.78 4.18 17.79
CA ASP A 28 5.44 3.61 17.89
C ASP A 28 4.39 4.60 17.40
N LEU A 29 4.54 5.86 17.83
CA LEU A 29 3.63 6.91 17.45
C LEU A 29 3.67 7.13 15.94
N LYS A 30 4.89 7.14 15.37
CA LYS A 30 5.04 7.31 13.93
C LYS A 30 4.36 6.14 13.20
N GLN A 31 4.51 4.93 13.76
CA GLN A 31 3.87 3.74 13.22
C GLN A 31 2.34 3.89 13.25
N LYS A 32 1.86 4.43 14.37
CA LYS A 32 0.43 4.65 14.59
C LYS A 32 -0.14 5.70 13.62
N ALA A 33 0.55 6.83 13.54
CA ALA A 33 0.14 7.93 12.68
C ALA A 33 0.16 7.53 11.22
N CYS A 34 1.19 6.77 10.84
CA CYS A 34 1.32 6.34 9.44
C CYS A 34 0.31 5.23 9.10
N GLU A 35 -0.08 4.45 10.11
CA GLU A 35 -1.04 3.38 9.92
C GLU A 35 -2.37 3.96 9.45
N SER A 36 -2.82 5.00 10.15
CA SER A 36 -4.05 5.71 9.78
C SER A 36 -3.89 6.43 8.44
N ARG A 37 -2.71 7.03 8.23
CA ARG A 37 -2.42 7.79 7.03
C ARG A 37 -2.51 6.90 5.80
N CYS A 38 -1.87 5.72 5.84
CA CYS A 38 -1.93 4.79 4.70
C CYS A 38 -3.36 4.32 4.46
N THR A 39 -4.09 4.11 5.55
CA THR A 39 -5.48 3.72 5.49
C THR A 39 -6.29 4.80 4.82
N LYS A 40 -6.02 6.06 5.19
CA LYS A 40 -6.74 7.18 4.65
C LYS A 40 -6.34 7.46 3.20
N LEU A 41 -5.05 7.27 2.90
CA LEU A 41 -4.52 7.56 1.56
C LEU A 41 -5.19 6.71 0.49
N GLU A 42 -5.44 5.43 0.81
CA GLU A 42 -6.04 4.50 -0.16
C GLU A 42 -5.14 4.32 -1.37
N TYR A 43 -4.59 3.12 -1.51
CA TYR A 43 -3.65 2.79 -2.62
C TYR A 43 -4.07 3.43 -3.95
N ASP A 44 -3.09 3.58 -4.86
CA ASP A 44 -3.34 4.16 -6.18
C ASP A 44 -3.31 3.06 -7.28
N PRO A 45 -4.13 3.17 -8.35
CA PRO A 45 -4.15 2.14 -9.46
C PRO A 45 -2.77 1.93 -10.09
N ARG A 46 -2.03 3.03 -10.25
CA ARG A 46 -0.70 2.98 -10.87
C ARG A 46 0.26 2.14 -10.04
N CYS A 47 0.18 2.29 -8.72
CA CYS A 47 1.06 1.56 -7.82
C CYS A 47 0.85 0.05 -7.95
N VAL A 48 -0.43 -0.38 -7.96
CA VAL A 48 -0.75 -1.80 -8.03
C VAL A 48 -2.01 -2.06 -8.88
N TYR A 49 -2.04 -3.23 -9.52
CA TYR A 49 -3.19 -3.65 -10.33
C TYR A 49 -4.28 -4.21 -9.42
N ASP A 50 -5.54 -4.10 -9.85
CA ASP A 50 -6.67 -4.59 -9.06
C ASP A 50 -6.58 -6.13 -8.87
N PRO A 51 -6.83 -6.67 -7.65
CA PRO A 51 -6.74 -8.15 -7.40
C PRO A 51 -7.83 -8.93 -8.14
N ARG A 52 -8.95 -8.25 -8.44
CA ARG A 52 -10.05 -8.88 -9.16
C ARG A 52 -9.58 -9.35 -10.53
N GLY A 53 -8.81 -8.47 -11.21
CA GLY A 53 -8.27 -8.79 -12.53
C GLY A 53 -7.35 -10.00 -12.47
N HIS A 54 -6.55 -10.07 -11.41
CA HIS A 54 -5.60 -11.18 -11.23
C HIS A 54 -6.34 -12.52 -11.12
N THR A 55 -5.79 -13.54 -11.79
CA THR A 55 -6.40 -14.88 -11.78
C THR A 55 -6.31 -15.52 -10.40
N GLY A 56 -7.37 -16.27 -10.04
CA GLY A 56 -7.43 -16.95 -8.74
C GLY A 56 -8.09 -16.08 -7.65
N THR A 57 -8.33 -14.80 -7.95
CA THR A 57 -8.98 -13.87 -7.01
C THR A 57 -8.34 -13.94 -5.61
N THR A 58 -7.09 -14.42 -5.54
CA THR A 58 -6.37 -14.54 -4.27
C THR A 58 -5.05 -13.78 -4.33
N ASN A 59 -4.81 -12.94 -3.31
CA ASN A 59 -3.57 -12.17 -3.23
C ASN A 59 -3.35 -11.34 -4.49
N GLY A 1 12.36 7.09 -22.65
CA GLY A 1 11.80 5.89 -21.95
C GLY A 1 11.20 6.32 -20.61
N LYS A 2 11.27 5.43 -19.62
CA LYS A 2 10.72 5.68 -18.27
C LYS A 2 9.20 5.82 -18.29
N SER A 3 8.70 6.93 -18.87
CA SER A 3 7.26 7.18 -18.97
C SER A 3 6.92 7.86 -20.28
N SER A 4 5.65 7.75 -20.71
CA SER A 4 5.20 8.33 -21.97
C SER A 4 4.04 9.36 -21.77
N PRO A 5 2.83 8.94 -21.32
CA PRO A 5 1.68 9.89 -21.14
C PRO A 5 1.87 10.84 -19.96
N TYR A 6 1.31 12.05 -20.08
CA TYR A 6 1.38 13.06 -19.02
C TYR A 6 0.71 12.54 -17.74
N GLN A 7 -0.52 12.00 -17.91
CA GLN A 7 -1.27 11.45 -16.78
C GLN A 7 -0.82 10.03 -16.44
N LYS A 8 -0.64 9.77 -15.14
CA LYS A 8 -0.21 8.45 -14.69
C LYS A 8 -0.97 8.05 -13.40
N LYS A 9 -1.69 6.92 -13.48
CA LYS A 9 -2.44 6.40 -12.32
C LYS A 9 -2.15 4.92 -12.11
N THR A 10 -1.87 4.55 -10.86
CA THR A 10 -1.58 3.15 -10.50
C THR A 10 -2.30 2.76 -9.21
N GLU A 11 -2.52 1.45 -9.05
CA GLU A 11 -3.14 0.92 -7.83
C GLU A 11 -2.12 0.06 -7.08
N ASN A 12 -0.91 0.61 -6.94
CA ASN A 12 0.20 -0.07 -6.26
C ASN A 12 -0.14 -0.41 -4.80
N PRO A 13 0.45 -1.47 -4.22
CA PRO A 13 0.21 -1.82 -2.80
C PRO A 13 1.12 -1.00 -1.87
N CYS A 14 1.13 0.32 -2.12
CA CYS A 14 1.94 1.24 -1.32
C CYS A 14 1.55 1.17 0.12
N ALA A 15 0.26 1.00 0.39
CA ALA A 15 -0.22 0.99 1.77
C ALA A 15 0.48 -0.09 2.57
N GLN A 16 0.67 -1.24 1.94
CA GLN A 16 1.45 -2.32 2.53
C GLN A 16 2.91 -1.85 2.71
N ARG A 17 3.42 -1.09 1.71
CA ARG A 17 4.81 -0.59 1.76
C ARG A 17 5.00 0.35 2.96
N CYS A 18 4.08 1.29 3.12
CA CYS A 18 4.12 2.24 4.22
C CYS A 18 4.04 1.51 5.56
N LEU A 19 3.13 0.55 5.64
CA LEU A 19 2.94 -0.25 6.85
C LEU A 19 4.23 -1.01 7.19
N GLN A 20 4.82 -1.66 6.18
CA GLN A 20 6.07 -2.41 6.39
C GLN A 20 7.21 -1.49 6.78
N SER A 21 7.27 -0.32 6.14
CA SER A 21 8.32 0.67 6.43
C SER A 21 8.18 1.18 7.86
N CYS A 22 6.93 1.38 8.31
CA CYS A 22 6.66 1.82 9.67
C CYS A 22 7.14 0.79 10.69
N GLN A 23 6.92 -0.49 10.37
CA GLN A 23 7.29 -1.59 11.27
C GLN A 23 8.77 -1.60 11.52
N GLN A 24 9.54 -1.35 10.46
CA GLN A 24 10.99 -1.31 10.55
C GLN A 24 11.45 -0.10 11.39
N GLU A 25 10.68 1.00 11.30
CA GLU A 25 10.99 2.23 12.06
C GLU A 25 10.62 2.05 13.57
N PRO A 26 11.56 2.30 14.52
CA PRO A 26 11.27 2.12 16.00
C PRO A 26 10.08 2.95 16.51
N ASP A 27 9.83 4.10 15.89
CA ASP A 27 8.76 5.02 16.36
C ASP A 27 7.40 4.32 16.45
N ASP A 28 6.84 4.30 17.67
CA ASP A 28 5.53 3.71 17.92
C ASP A 28 4.40 4.68 17.56
N LEU A 29 4.59 5.96 17.89
CA LEU A 29 3.61 6.98 17.60
C LEU A 29 3.50 7.18 16.10
N LYS A 30 4.66 7.21 15.43
CA LYS A 30 4.71 7.33 13.99
C LYS A 30 4.05 6.10 13.33
N GLN A 31 4.24 4.92 13.96
CA GLN A 31 3.65 3.67 13.46
C GLN A 31 2.12 3.79 13.36
N LYS A 32 1.50 4.34 14.41
CA LYS A 32 0.04 4.47 14.46
C LYS A 32 -0.45 5.55 13.50
N ALA A 33 0.22 6.70 13.53
CA ALA A 33 -0.13 7.82 12.68
C ALA A 33 0.05 7.48 11.21
N CYS A 34 1.14 6.77 10.91
CA CYS A 34 1.46 6.41 9.52
C CYS A 34 0.55 5.31 8.99
N GLU A 35 0.13 4.38 9.87
CA GLU A 35 -0.70 3.29 9.47
C GLU A 35 -2.06 3.81 8.98
N SER A 36 -2.70 4.68 9.77
CA SER A 36 -4.01 5.27 9.39
C SER A 36 -3.87 6.20 8.20
N ARG A 37 -2.82 7.02 8.19
CA ARG A 37 -2.61 7.95 7.09
C ARG A 37 -2.38 7.19 5.82
N CYS A 38 -1.49 6.21 5.86
CA CYS A 38 -1.16 5.40 4.69
C CYS A 38 -2.34 4.55 4.21
N THR A 39 -3.10 3.99 5.17
CA THR A 39 -4.28 3.20 4.85
C THR A 39 -5.39 4.08 4.32
N LYS A 40 -5.39 5.37 4.72
CA LYS A 40 -6.39 6.29 4.23
C LYS A 40 -5.94 7.01 2.94
N LEU A 41 -4.60 7.11 2.74
CA LEU A 41 -4.05 7.73 1.53
C LEU A 41 -4.51 6.95 0.31
N GLU A 42 -4.44 5.61 0.41
CA GLU A 42 -4.86 4.72 -0.68
C GLU A 42 -4.00 4.91 -1.95
N TYR A 43 -4.28 5.99 -2.71
CA TYR A 43 -3.54 6.26 -3.96
C TYR A 43 -2.48 7.35 -3.77
N ASP A 44 -1.22 7.02 -4.06
CA ASP A 44 -0.13 7.99 -3.96
C ASP A 44 0.79 7.90 -5.23
N PRO A 45 0.90 8.98 -6.06
CA PRO A 45 1.76 8.96 -7.29
C PRO A 45 3.24 8.62 -6.99
N ARG A 46 3.71 9.05 -5.81
CA ARG A 46 5.12 8.86 -5.42
C ARG A 46 5.47 7.38 -5.18
N CYS A 47 4.48 6.60 -4.74
CA CYS A 47 4.69 5.19 -4.41
C CYS A 47 5.11 4.37 -5.61
N VAL A 48 4.49 4.64 -6.76
CA VAL A 48 4.78 3.88 -7.99
C VAL A 48 6.20 4.16 -8.51
N TYR A 49 7.19 3.59 -7.82
CA TYR A 49 8.60 3.72 -8.22
C TYR A 49 8.80 3.12 -9.61
N ASP A 50 8.29 1.90 -9.81
CA ASP A 50 8.39 1.21 -11.10
C ASP A 50 7.20 1.59 -12.02
N PRO A 51 7.44 2.17 -13.22
CA PRO A 51 6.32 2.55 -14.16
C PRO A 51 5.45 1.35 -14.52
N ARG A 52 6.10 0.18 -14.65
CA ARG A 52 5.41 -1.06 -15.04
C ARG A 52 5.30 -2.04 -13.86
N GLY A 53 5.25 -1.51 -12.63
CA GLY A 53 5.16 -2.34 -11.43
C GLY A 53 3.92 -3.23 -11.48
N HIS A 54 4.04 -4.45 -10.94
CA HIS A 54 2.94 -5.42 -10.96
C HIS A 54 1.76 -4.93 -10.13
N THR A 55 0.57 -5.09 -10.69
CA THR A 55 -0.68 -4.69 -10.01
C THR A 55 -1.13 -5.79 -9.05
N GLY A 56 -2.08 -5.44 -8.17
CA GLY A 56 -2.62 -6.40 -7.20
C GLY A 56 -3.75 -7.22 -7.78
N THR A 57 -4.49 -7.92 -6.91
CA THR A 57 -5.62 -8.75 -7.34
C THR A 57 -6.75 -7.89 -7.94
N THR A 58 -6.81 -6.61 -7.53
CA THR A 58 -7.82 -5.69 -8.02
C THR A 58 -7.16 -4.64 -8.94
N ASN A 59 -7.73 -4.47 -10.15
CA ASN A 59 -7.22 -3.51 -11.15
C ASN A 59 -5.68 -3.40 -11.14
N GLY A 1 0.43 -18.35 -0.13
CA GLY A 1 -0.13 -19.35 0.83
C GLY A 1 -0.19 -18.74 2.22
N LYS A 2 -0.63 -17.47 2.29
CA LYS A 2 -0.75 -16.73 3.57
C LYS A 2 0.63 -16.43 4.17
N SER A 3 1.32 -17.49 4.64
CA SER A 3 2.65 -17.34 5.24
C SER A 3 3.75 -17.71 4.26
N SER A 4 4.20 -16.72 3.47
CA SER A 4 5.26 -16.91 2.49
C SER A 4 6.30 -15.78 2.59
N PRO A 5 7.58 -16.03 2.25
CA PRO A 5 8.66 -14.97 2.31
C PRO A 5 8.29 -13.76 1.44
N TYR A 6 8.52 -12.56 1.97
CA TYR A 6 8.21 -11.32 1.25
C TYR A 6 9.14 -11.13 0.06
N GLN A 7 10.42 -11.46 0.25
CA GLN A 7 11.43 -11.31 -0.82
C GLN A 7 11.36 -9.91 -1.44
N LYS A 8 12.14 -9.69 -2.52
CA LYS A 8 12.14 -8.40 -3.22
C LYS A 8 10.86 -8.24 -4.02
N LYS A 9 10.27 -7.03 -3.95
CA LYS A 9 8.99 -6.75 -4.65
C LYS A 9 7.88 -7.66 -4.13
N THR A 10 6.64 -7.16 -4.16
CA THR A 10 5.49 -7.92 -3.68
C THR A 10 4.19 -7.45 -4.32
N GLU A 11 3.16 -8.30 -4.26
CA GLU A 11 1.84 -7.98 -4.82
C GLU A 11 0.94 -7.26 -3.78
N ASN A 12 1.52 -6.91 -2.62
CA ASN A 12 0.77 -6.25 -1.55
C ASN A 12 0.35 -4.83 -1.95
N PRO A 13 -0.70 -4.28 -1.31
CA PRO A 13 -1.15 -2.89 -1.60
C PRO A 13 -0.13 -1.87 -1.13
N CYS A 14 -0.17 -0.70 -1.74
CA CYS A 14 0.72 0.40 -1.41
C CYS A 14 0.67 0.69 0.10
N ALA A 15 -0.47 0.37 0.73
CA ALA A 15 -0.64 0.64 2.16
C ALA A 15 0.27 -0.22 2.98
N GLN A 16 0.34 -1.49 2.61
CA GLN A 16 1.23 -2.42 3.27
C GLN A 16 2.66 -1.98 3.07
N ARG A 17 2.96 -1.40 1.89
CA ARG A 17 4.32 -0.92 1.58
C ARG A 17 4.72 0.14 2.62
N CYS A 18 3.81 1.09 2.85
CA CYS A 18 4.03 2.14 3.83
C CYS A 18 4.20 1.52 5.22
N LEU A 19 3.34 0.55 5.54
CA LEU A 19 3.37 -0.12 6.83
C LEU A 19 4.71 -0.80 7.06
N GLN A 20 5.25 -1.46 6.03
CA GLN A 20 6.53 -2.18 6.17
C GLN A 20 7.65 -1.21 6.54
N SER A 21 7.66 -0.04 5.91
CA SER A 21 8.70 0.96 6.21
C SER A 21 8.57 1.49 7.65
N CYS A 22 7.32 1.70 8.07
CA CYS A 22 7.03 2.16 9.42
C CYS A 22 7.33 1.07 10.47
N GLN A 23 7.09 -0.19 10.11
CA GLN A 23 7.42 -1.33 10.99
C GLN A 23 8.90 -1.34 11.31
N GLN A 24 9.70 -1.02 10.30
CA GLN A 24 11.16 -0.96 10.47
C GLN A 24 11.55 0.18 11.42
N GLU A 25 10.77 1.28 11.40
CA GLU A 25 11.02 2.41 12.29
C GLU A 25 10.72 2.03 13.77
N PRO A 26 11.47 2.57 14.76
CA PRO A 26 11.27 2.24 16.21
C PRO A 26 10.10 3.00 16.86
N ASP A 27 9.59 4.04 16.16
CA ASP A 27 8.51 4.87 16.72
C ASP A 27 7.15 4.20 16.58
N ASP A 28 6.55 3.84 17.73
CA ASP A 28 5.24 3.21 17.77
C ASP A 28 4.14 4.21 17.46
N LEU A 29 4.23 5.39 18.10
CA LEU A 29 3.25 6.43 17.94
C LEU A 29 3.23 6.93 16.50
N LYS A 30 4.43 7.16 15.94
CA LYS A 30 4.56 7.58 14.55
C LYS A 30 3.97 6.50 13.64
N GLN A 31 4.24 5.23 14.00
CA GLN A 31 3.74 4.08 13.26
C GLN A 31 2.20 4.07 13.24
N LYS A 32 1.59 4.45 14.38
CA LYS A 32 0.13 4.47 14.51
C LYS A 32 -0.45 5.46 13.49
N ALA A 33 0.13 6.66 13.46
CA ALA A 33 -0.26 7.69 12.49
C ALA A 33 0.05 7.21 11.07
N CYS A 34 1.19 6.53 10.92
CA CYS A 34 1.65 6.03 9.64
C CYS A 34 0.64 5.06 9.03
N GLU A 35 0.19 4.08 9.83
CA GLU A 35 -0.71 3.07 9.35
C GLU A 35 -2.04 3.68 8.87
N SER A 36 -2.64 4.54 9.71
CA SER A 36 -3.92 5.17 9.36
C SER A 36 -3.77 6.16 8.20
N ARG A 37 -2.68 6.93 8.22
CA ARG A 37 -2.41 7.92 7.18
C ARG A 37 -2.21 7.24 5.86
N CYS A 38 -1.34 6.24 5.81
CA CYS A 38 -1.04 5.50 4.59
C CYS A 38 -2.26 4.75 4.07
N THR A 39 -3.03 4.19 5.00
CA THR A 39 -4.27 3.52 4.67
C THR A 39 -5.22 4.51 3.99
N LYS A 40 -5.22 5.76 4.49
CA LYS A 40 -6.08 6.77 3.94
C LYS A 40 -5.46 7.43 2.68
N LEU A 41 -4.12 7.42 2.58
CA LEU A 41 -3.44 8.05 1.42
C LEU A 41 -3.91 7.38 0.13
N GLU A 42 -3.59 6.09 -0.03
CA GLU A 42 -4.03 5.31 -1.21
C GLU A 42 -3.94 6.13 -2.54
N TYR A 43 -2.82 6.81 -2.73
CA TYR A 43 -2.61 7.66 -3.92
C TYR A 43 -2.65 6.86 -5.23
N ASP A 44 -2.04 5.67 -5.23
CA ASP A 44 -1.99 4.85 -6.46
C ASP A 44 -3.36 4.11 -6.69
N PRO A 45 -4.07 4.36 -7.82
CA PRO A 45 -5.40 3.69 -8.11
C PRO A 45 -5.30 2.16 -8.18
N ARG A 46 -4.13 1.65 -8.58
CA ARG A 46 -3.92 0.23 -8.79
C ARG A 46 -4.11 -0.56 -7.49
N CYS A 47 -3.64 0.00 -6.38
CA CYS A 47 -3.70 -0.69 -5.09
C CYS A 47 -4.90 -0.25 -4.22
N VAL A 48 -5.87 0.45 -4.83
CA VAL A 48 -7.07 0.89 -4.10
C VAL A 48 -8.01 -0.29 -3.86
N TYR A 49 -8.48 -0.41 -2.62
CA TYR A 49 -9.38 -1.49 -2.21
C TYR A 49 -10.74 -1.36 -2.88
N ASP A 50 -11.35 -2.50 -3.21
CA ASP A 50 -12.67 -2.51 -3.86
C ASP A 50 -13.78 -2.10 -2.85
N PRO A 51 -14.87 -1.45 -3.33
CA PRO A 51 -15.99 -1.01 -2.41
C PRO A 51 -16.76 -2.20 -1.82
N ARG A 52 -16.75 -3.33 -2.54
CA ARG A 52 -17.44 -4.53 -2.10
C ARG A 52 -16.87 -5.05 -0.78
N GLY A 53 -15.54 -5.02 -0.66
CA GLY A 53 -14.85 -5.50 0.55
C GLY A 53 -14.92 -4.48 1.68
N HIS A 54 -16.00 -4.55 2.47
CA HIS A 54 -16.18 -3.65 3.61
C HIS A 54 -15.92 -4.38 4.94
N THR A 55 -15.48 -3.62 5.94
CA THR A 55 -15.17 -4.18 7.26
C THR A 55 -15.95 -3.43 8.35
N GLY A 56 -16.64 -4.18 9.22
CA GLY A 56 -17.42 -3.60 10.31
C GLY A 56 -16.52 -3.05 11.41
N THR A 57 -17.03 -2.07 12.16
CA THR A 57 -16.27 -1.47 13.27
C THR A 57 -16.84 -1.84 14.64
N THR A 58 -18.10 -2.31 14.66
CA THR A 58 -18.77 -2.70 15.91
C THR A 58 -19.81 -3.80 15.66
N ASN A 59 -20.07 -4.61 16.69
CA ASN A 59 -21.05 -5.70 16.60
C ASN A 59 -22.24 -5.45 17.52
N GLY A 1 17.53 -12.69 -4.88
CA GLY A 1 19.01 -12.60 -4.70
C GLY A 1 19.59 -11.61 -5.69
N LYS A 2 20.38 -12.12 -6.64
CA LYS A 2 21.00 -11.28 -7.67
C LYS A 2 19.96 -10.52 -8.49
N SER A 3 18.81 -11.17 -8.75
CA SER A 3 17.73 -10.57 -9.50
C SER A 3 16.45 -11.38 -9.35
N SER A 4 15.34 -10.70 -9.02
CA SER A 4 14.04 -11.36 -8.88
C SER A 4 12.94 -10.59 -9.66
N PRO A 5 13.04 -10.50 -11.02
CA PRO A 5 12.02 -9.81 -11.86
C PRO A 5 10.74 -10.63 -11.99
N TYR A 6 9.61 -9.94 -12.21
CA TYR A 6 8.32 -10.61 -12.38
C TYR A 6 7.56 -10.06 -13.60
N GLN A 7 6.83 -8.93 -13.42
CA GLN A 7 6.06 -8.27 -14.49
C GLN A 7 5.09 -7.24 -13.87
N LYS A 8 4.29 -6.58 -14.71
CA LYS A 8 3.32 -5.60 -14.23
C LYS A 8 2.19 -6.32 -13.50
N LYS A 9 1.81 -5.79 -12.33
CA LYS A 9 0.74 -6.40 -11.52
C LYS A 9 -0.27 -5.35 -11.07
N THR A 10 -1.53 -5.77 -10.91
CA THR A 10 -2.61 -4.87 -10.47
C THR A 10 -3.01 -5.12 -8.99
N GLU A 11 -2.31 -6.05 -8.33
CA GLU A 11 -2.60 -6.40 -6.93
C GLU A 11 -1.46 -5.93 -5.99
N ASN A 12 -0.83 -4.80 -6.34
CA ASN A 12 0.28 -4.26 -5.55
C ASN A 12 -0.14 -3.97 -4.09
N PRO A 13 0.59 -4.51 -3.08
CA PRO A 13 0.29 -4.18 -1.66
C PRO A 13 1.03 -2.89 -1.26
N CYS A 14 0.69 -1.80 -1.96
CA CYS A 14 1.34 -0.49 -1.75
C CYS A 14 1.09 -0.01 -0.33
N ALA A 15 -0.13 -0.21 0.13
CA ALA A 15 -0.50 0.19 1.50
C ALA A 15 0.36 -0.55 2.49
N GLN A 16 0.57 -1.85 2.22
CA GLN A 16 1.45 -2.66 3.03
C GLN A 16 2.87 -2.09 2.97
N ARG A 17 3.25 -1.55 1.80
CA ARG A 17 4.60 -1.00 1.62
C ARG A 17 4.82 0.14 2.62
N CYS A 18 3.82 1.03 2.73
CA CYS A 18 3.90 2.13 3.71
C CYS A 18 4.03 1.56 5.13
N LEU A 19 3.20 0.55 5.44
CA LEU A 19 3.20 -0.08 6.76
C LEU A 19 4.56 -0.71 7.09
N GLN A 20 5.15 -1.40 6.10
CA GLN A 20 6.45 -2.06 6.30
C GLN A 20 7.52 -1.05 6.67
N SER A 21 7.48 0.12 6.03
CA SER A 21 8.43 1.18 6.34
C SER A 21 8.26 1.61 7.79
N CYS A 22 7.00 1.72 8.22
CA CYS A 22 6.66 2.09 9.60
C CYS A 22 7.14 1.02 10.58
N GLN A 23 7.01 -0.26 10.20
CA GLN A 23 7.41 -1.37 11.05
C GLN A 23 8.90 -1.30 11.35
N GLN A 24 9.68 -0.92 10.34
CA GLN A 24 11.12 -0.78 10.50
C GLN A 24 11.46 0.37 11.44
N GLU A 25 10.62 1.42 11.43
CA GLU A 25 10.82 2.59 12.28
C GLU A 25 10.61 2.23 13.78
N PRO A 26 11.50 2.67 14.70
CA PRO A 26 11.36 2.35 16.17
C PRO A 26 10.19 3.08 16.84
N ASP A 27 9.70 4.16 16.20
CA ASP A 27 8.60 4.95 16.78
C ASP A 27 7.26 4.23 16.67
N ASP A 28 6.76 3.75 17.82
CA ASP A 28 5.47 3.06 17.87
C ASP A 28 4.32 4.02 17.62
N LEU A 29 4.39 5.20 18.25
CA LEU A 29 3.37 6.21 18.11
C LEU A 29 3.28 6.68 16.66
N LYS A 30 4.44 6.98 16.08
CA LYS A 30 4.52 7.40 14.68
C LYS A 30 4.01 6.28 13.77
N GLN A 31 4.32 5.02 14.15
CA GLN A 31 3.92 3.85 13.39
C GLN A 31 2.38 3.79 13.26
N LYS A 32 1.68 4.13 14.35
CA LYS A 32 0.21 4.12 14.33
C LYS A 32 -0.33 5.26 13.47
N ALA A 33 0.29 6.44 13.61
CA ALA A 33 -0.11 7.62 12.86
C ALA A 33 0.09 7.43 11.37
N CYS A 34 1.21 6.81 11.00
CA CYS A 34 1.54 6.62 9.57
C CYS A 34 0.68 5.55 8.93
N GLU A 35 0.35 4.50 9.69
CA GLU A 35 -0.46 3.42 9.18
C GLU A 35 -1.85 3.94 8.78
N SER A 36 -2.46 4.72 9.67
CA SER A 36 -3.77 5.31 9.40
C SER A 36 -3.68 6.27 8.23
N ARG A 37 -2.61 7.07 8.21
CA ARG A 37 -2.42 8.06 7.17
C ARG A 37 -2.33 7.38 5.82
N CYS A 38 -1.48 6.35 5.70
CA CYS A 38 -1.35 5.61 4.42
C CYS A 38 -2.64 4.90 4.06
N THR A 39 -3.34 4.39 5.07
CA THR A 39 -4.62 3.76 4.87
C THR A 39 -5.57 4.76 4.23
N LYS A 40 -5.49 6.02 4.67
CA LYS A 40 -6.34 7.05 4.13
C LYS A 40 -5.74 7.70 2.85
N LEU A 41 -4.40 7.62 2.69
CA LEU A 41 -3.74 8.23 1.52
C LEU A 41 -4.22 7.62 0.21
N GLU A 42 -4.32 6.28 0.17
CA GLU A 42 -4.74 5.58 -1.05
C GLU A 42 -3.98 6.13 -2.28
N TYR A 43 -2.68 5.80 -2.38
CA TYR A 43 -1.83 6.33 -3.44
C TYR A 43 -2.39 5.99 -4.81
N ASP A 44 -2.79 4.72 -5.00
CA ASP A 44 -3.36 4.28 -6.26
C ASP A 44 -4.51 3.27 -6.03
N PRO A 45 -5.69 3.42 -6.70
CA PRO A 45 -6.81 2.42 -6.57
C PRO A 45 -6.35 1.02 -6.99
N ARG A 46 -5.38 0.99 -7.91
CA ARG A 46 -4.84 -0.26 -8.44
C ARG A 46 -4.19 -1.09 -7.32
N CYS A 47 -3.43 -0.41 -6.44
CA CYS A 47 -2.73 -1.11 -5.37
C CYS A 47 -3.72 -1.82 -4.44
N VAL A 48 -4.79 -1.12 -4.07
CA VAL A 48 -5.81 -1.68 -3.17
C VAL A 48 -7.22 -1.45 -3.74
N TYR A 49 -8.02 -2.52 -3.76
CA TYR A 49 -9.39 -2.44 -4.25
C TYR A 49 -10.35 -2.24 -3.09
N ASP A 50 -11.03 -1.08 -3.07
CA ASP A 50 -11.96 -0.75 -2.00
C ASP A 50 -13.27 -1.58 -2.12
N PRO A 51 -13.97 -1.88 -1.00
CA PRO A 51 -15.27 -2.63 -1.05
C PRO A 51 -16.41 -1.76 -1.63
N ARG A 52 -16.24 -0.43 -1.55
CA ARG A 52 -17.25 0.52 -2.04
C ARG A 52 -16.94 0.95 -3.49
N GLY A 53 -16.42 0.01 -4.29
CA GLY A 53 -16.08 0.29 -5.69
C GLY A 53 -17.34 0.25 -6.56
N HIS A 54 -17.62 1.38 -7.22
CA HIS A 54 -18.79 1.50 -8.09
C HIS A 54 -18.40 1.47 -9.57
N THR A 55 -19.40 1.26 -10.44
CA THR A 55 -19.18 1.24 -11.88
C THR A 55 -18.99 2.68 -12.39
N GLY A 56 -17.99 2.86 -13.27
CA GLY A 56 -17.70 4.20 -13.83
C GLY A 56 -16.56 4.92 -13.09
N THR A 57 -15.85 4.21 -12.20
CA THR A 57 -14.73 4.79 -11.45
C THR A 57 -13.50 4.97 -12.35
N THR A 58 -12.39 5.43 -11.76
CA THR A 58 -11.16 5.68 -12.51
C THR A 58 -10.68 4.40 -13.21
N ASN A 59 -10.70 3.28 -12.48
CA ASN A 59 -10.28 1.99 -13.03
C ASN A 59 -11.01 0.84 -12.36
N GLY A 1 17.94 -18.63 10.70
CA GLY A 1 18.37 -19.98 10.25
C GLY A 1 18.93 -19.89 8.83
N LYS A 2 18.03 -19.84 7.85
CA LYS A 2 18.42 -19.75 6.44
C LYS A 2 17.37 -19.00 5.63
N SER A 3 17.80 -18.42 4.49
CA SER A 3 16.89 -17.69 3.61
C SER A 3 17.44 -17.62 2.20
N SER A 4 16.55 -17.36 1.23
CA SER A 4 16.93 -17.24 -0.18
C SER A 4 16.17 -16.05 -0.85
N PRO A 5 16.51 -14.78 -0.48
CA PRO A 5 15.81 -13.57 -1.05
C PRO A 5 15.93 -13.50 -2.57
N TYR A 6 14.87 -13.00 -3.22
CA TYR A 6 14.84 -12.87 -4.69
C TYR A 6 15.18 -11.44 -5.16
N GLN A 7 15.51 -10.55 -4.21
CA GLN A 7 15.87 -9.16 -4.54
C GLN A 7 14.75 -8.51 -5.40
N LYS A 8 15.07 -7.39 -6.09
CA LYS A 8 14.10 -6.67 -6.93
C LYS A 8 12.95 -6.13 -6.09
N LYS A 9 11.98 -5.47 -6.75
CA LYS A 9 10.82 -4.89 -6.05
C LYS A 9 9.85 -5.98 -5.62
N THR A 10 9.20 -5.75 -4.48
CA THR A 10 8.23 -6.70 -3.93
C THR A 10 6.85 -6.54 -4.58
N GLU A 11 6.11 -7.65 -4.67
CA GLU A 11 4.76 -7.64 -5.26
C GLU A 11 3.69 -7.17 -4.24
N ASN A 12 4.14 -6.62 -3.10
CA ASN A 12 3.22 -6.16 -2.06
C ASN A 12 2.46 -4.90 -2.49
N PRO A 13 1.28 -4.63 -1.89
CA PRO A 13 0.53 -3.38 -2.17
C PRO A 13 1.25 -2.20 -1.54
N CYS A 14 0.89 -1.01 -1.96
CA CYS A 14 1.55 0.21 -1.50
C CYS A 14 1.41 0.35 0.01
N ALA A 15 0.23 -0.01 0.53
CA ALA A 15 -0.06 0.13 1.96
C ALA A 15 0.82 -0.77 2.78
N GLN A 16 0.99 -2.00 2.32
CA GLN A 16 1.88 -2.94 2.97
C GLN A 16 3.30 -2.37 2.94
N ARG A 17 3.64 -1.70 1.81
CA ARG A 17 4.95 -1.09 1.67
C ARG A 17 5.14 0.03 2.70
N CYS A 18 4.09 0.86 2.86
CA CYS A 18 4.16 1.96 3.84
C CYS A 18 4.19 1.40 5.29
N LEU A 19 3.53 0.24 5.48
CA LEU A 19 3.51 -0.45 6.77
C LEU A 19 4.89 -1.00 7.11
N GLN A 20 5.53 -1.62 6.11
CA GLN A 20 6.86 -2.20 6.29
C GLN A 20 7.85 -1.14 6.73
N SER A 21 7.75 0.04 6.10
CA SER A 21 8.61 1.16 6.47
C SER A 21 8.34 1.59 7.91
N CYS A 22 7.05 1.61 8.27
CA CYS A 22 6.63 1.98 9.61
C CYS A 22 7.15 0.99 10.66
N GLN A 23 7.10 -0.30 10.32
CA GLN A 23 7.56 -1.36 11.23
C GLN A 23 9.04 -1.21 11.54
N GLN A 24 9.81 -0.85 10.52
CA GLN A 24 11.26 -0.69 10.66
C GLN A 24 11.58 0.50 11.57
N GLU A 25 10.75 1.55 11.53
CA GLU A 25 10.97 2.74 12.36
C GLU A 25 10.78 2.38 13.87
N PRO A 26 11.74 2.74 14.77
CA PRO A 26 11.62 2.43 16.24
C PRO A 26 10.35 3.02 16.88
N ASP A 27 9.88 4.17 16.37
CA ASP A 27 8.73 4.86 16.95
C ASP A 27 7.41 4.14 16.65
N ASP A 28 6.80 3.60 17.69
CA ASP A 28 5.49 2.94 17.56
C ASP A 28 4.39 3.97 17.30
N LEU A 29 4.55 5.18 17.86
CA LEU A 29 3.62 6.25 17.68
C LEU A 29 3.53 6.62 16.20
N LYS A 30 4.69 6.74 15.55
CA LYS A 30 4.74 7.03 14.12
C LYS A 30 4.04 5.92 13.33
N GLN A 31 4.23 4.66 13.79
CA GLN A 31 3.64 3.50 13.14
C GLN A 31 2.10 3.60 13.09
N LYS A 32 1.51 4.04 14.21
CA LYS A 32 0.05 4.18 14.29
C LYS A 32 -0.44 5.33 13.42
N ALA A 33 0.29 6.45 13.50
CA ALA A 33 -0.04 7.64 12.72
C ALA A 33 0.05 7.37 11.23
N CYS A 34 1.08 6.61 10.82
CA CYS A 34 1.28 6.32 9.40
C CYS A 34 0.28 5.30 8.87
N GLU A 35 -0.18 4.39 9.75
CA GLU A 35 -1.16 3.40 9.37
C GLU A 35 -2.46 4.10 8.96
N SER A 36 -2.88 5.07 9.79
CA SER A 36 -4.09 5.85 9.49
C SER A 36 -3.90 6.66 8.23
N ARG A 37 -2.69 7.22 8.07
CA ARG A 37 -2.37 8.01 6.90
C ARG A 37 -2.46 7.18 5.65
N CYS A 38 -1.93 5.96 5.67
CA CYS A 38 -1.96 5.09 4.48
C CYS A 38 -3.40 4.76 4.09
N THR A 39 -4.23 4.48 5.10
CA THR A 39 -5.65 4.19 4.87
C THR A 39 -6.39 5.42 4.39
N LYS A 40 -5.91 6.60 4.80
CA LYS A 40 -6.54 7.84 4.39
C LYS A 40 -6.03 8.31 3.03
N LEU A 41 -4.77 8.01 2.72
CA LEU A 41 -4.17 8.42 1.45
C LEU A 41 -4.91 7.82 0.27
N GLU A 42 -5.19 6.50 0.32
CA GLU A 42 -5.90 5.81 -0.79
C GLU A 42 -5.34 6.27 -2.15
N TYR A 43 -4.01 6.12 -2.33
CA TYR A 43 -3.31 6.63 -3.50
C TYR A 43 -4.03 6.26 -4.80
N ASP A 44 -4.13 4.95 -5.09
CA ASP A 44 -4.82 4.49 -6.29
C ASP A 44 -5.27 3.01 -6.17
N PRO A 45 -6.28 2.56 -6.94
CA PRO A 45 -6.76 1.14 -6.92
C PRO A 45 -5.67 0.13 -7.31
N ARG A 46 -4.67 0.60 -8.06
CA ARG A 46 -3.59 -0.26 -8.56
C ARG A 46 -2.78 -0.86 -7.42
N CYS A 47 -2.57 -0.08 -6.35
CA CYS A 47 -1.78 -0.53 -5.20
C CYS A 47 -2.39 -1.76 -4.52
N VAL A 48 -3.73 -1.78 -4.39
CA VAL A 48 -4.41 -2.89 -3.71
C VAL A 48 -5.31 -3.68 -4.68
N TYR A 49 -5.61 -4.93 -4.31
CA TYR A 49 -6.42 -5.82 -5.16
C TYR A 49 -7.89 -5.88 -4.68
N ASP A 50 -8.31 -4.82 -3.97
CA ASP A 50 -9.67 -4.74 -3.42
C ASP A 50 -10.77 -4.86 -4.52
N PRO A 51 -10.66 -4.17 -5.69
CA PRO A 51 -11.71 -4.22 -6.76
C PRO A 51 -12.07 -5.65 -7.14
N ARG A 52 -11.05 -6.51 -7.24
CA ARG A 52 -11.26 -7.91 -7.58
C ARG A 52 -12.06 -8.64 -6.51
N GLY A 53 -11.79 -8.31 -5.24
CA GLY A 53 -12.48 -8.93 -4.13
C GLY A 53 -13.97 -8.60 -4.17
N HIS A 54 -14.80 -9.62 -3.89
CA HIS A 54 -16.24 -9.46 -3.89
C HIS A 54 -16.75 -8.92 -2.56
N THR A 55 -17.86 -8.20 -2.61
CA THR A 55 -18.45 -7.60 -1.41
C THR A 55 -19.98 -7.53 -1.51
N GLY A 56 -20.62 -7.03 -0.45
CA GLY A 56 -22.07 -6.92 -0.40
C GLY A 56 -22.55 -5.64 -1.08
N THR A 57 -23.33 -4.84 -0.34
CA THR A 57 -23.86 -3.58 -0.87
C THR A 57 -22.76 -2.54 -0.98
N THR A 58 -23.04 -1.47 -1.75
CA THR A 58 -22.07 -0.38 -1.96
C THR A 58 -20.80 -0.89 -2.64
N ASN A 59 -20.96 -1.90 -3.51
CA ASN A 59 -19.82 -2.48 -4.24
C ASN A 59 -19.15 -1.41 -5.10
N GLY A 1 15.14 -7.05 2.49
CA GLY A 1 15.75 -7.03 1.14
C GLY A 1 16.96 -7.96 1.11
N LYS A 2 18.12 -7.42 1.51
CA LYS A 2 19.36 -8.19 1.54
C LYS A 2 19.24 -9.35 2.54
N SER A 3 19.66 -10.54 2.11
CA SER A 3 19.59 -11.74 2.94
C SER A 3 18.16 -11.96 3.46
N SER A 4 17.18 -11.69 2.59
CA SER A 4 15.76 -11.86 2.93
C SER A 4 15.03 -12.65 1.84
N PRO A 5 13.90 -13.32 2.16
CA PRO A 5 13.13 -14.13 1.15
C PRO A 5 12.70 -13.27 -0.03
N TYR A 6 12.78 -13.85 -1.24
CA TYR A 6 12.42 -13.13 -2.46
C TYR A 6 11.36 -13.93 -3.25
N GLN A 7 10.22 -13.29 -3.50
CA GLN A 7 9.13 -13.91 -4.27
C GLN A 7 8.70 -12.98 -5.40
N LYS A 8 9.26 -13.18 -6.60
CA LYS A 8 8.94 -12.37 -7.77
C LYS A 8 8.87 -10.85 -7.44
N LYS A 9 8.35 -10.05 -8.39
CA LYS A 9 8.24 -8.60 -8.21
C LYS A 9 7.28 -8.26 -7.07
N THR A 10 7.31 -7.00 -6.61
CA THR A 10 6.45 -6.55 -5.52
C THR A 10 5.08 -6.12 -6.06
N GLU A 11 4.10 -7.01 -5.92
CA GLU A 11 2.74 -6.78 -6.40
C GLU A 11 2.00 -5.70 -5.58
N ASN A 12 2.22 -5.70 -4.26
CA ASN A 12 1.49 -4.80 -3.35
C ASN A 12 1.77 -3.30 -3.64
N PRO A 13 0.78 -2.39 -3.40
CA PRO A 13 0.96 -0.92 -3.61
C PRO A 13 1.87 -0.27 -2.55
N CYS A 14 2.03 1.04 -2.68
CA CYS A 14 2.83 1.81 -1.73
C CYS A 14 2.24 1.77 -0.33
N ALA A 15 0.92 1.49 -0.21
CA ALA A 15 0.26 1.45 1.11
C ALA A 15 0.83 0.34 1.95
N GLN A 16 1.00 -0.81 1.33
CA GLN A 16 1.62 -1.94 1.98
C GLN A 16 3.07 -1.61 2.29
N ARG A 17 3.71 -0.86 1.36
CA ARG A 17 5.11 -0.44 1.55
C ARG A 17 5.21 0.44 2.80
N CYS A 18 4.23 1.34 2.95
CA CYS A 18 4.14 2.23 4.09
C CYS A 18 4.00 1.43 5.38
N LEU A 19 3.10 0.45 5.36
CA LEU A 19 2.87 -0.41 6.53
C LEU A 19 4.15 -1.16 6.92
N GLN A 20 4.80 -1.79 5.93
CA GLN A 20 6.03 -2.55 6.18
C GLN A 20 7.14 -1.64 6.69
N SER A 21 7.24 -0.45 6.07
CA SER A 21 8.25 0.53 6.46
C SER A 21 8.01 1.03 7.88
N CYS A 22 6.73 1.21 8.23
CA CYS A 22 6.34 1.63 9.56
C CYS A 22 6.74 0.60 10.60
N GLN A 23 6.57 -0.69 10.26
CA GLN A 23 6.91 -1.78 11.17
C GLN A 23 8.39 -1.74 11.51
N GLN A 24 9.21 -1.45 10.51
CA GLN A 24 10.66 -1.38 10.69
C GLN A 24 11.04 -0.20 11.60
N GLU A 25 10.26 0.89 11.53
CA GLU A 25 10.52 2.08 12.35
C GLU A 25 10.19 1.79 13.84
N PRO A 26 11.14 1.98 14.80
CA PRO A 26 10.89 1.67 16.25
C PRO A 26 9.88 2.64 16.92
N ASP A 27 9.67 3.82 16.29
CA ASP A 27 8.78 4.83 16.86
C ASP A 27 7.32 4.38 16.84
N ASP A 28 6.69 4.39 18.02
CA ASP A 28 5.28 4.02 18.15
C ASP A 28 4.37 5.07 17.55
N LEU A 29 4.70 6.35 17.81
CA LEU A 29 3.92 7.46 17.31
C LEU A 29 3.95 7.49 15.79
N LYS A 30 5.14 7.28 15.21
CA LYS A 30 5.29 7.25 13.75
C LYS A 30 4.41 6.15 13.17
N GLN A 31 4.41 4.98 13.84
CA GLN A 31 3.61 3.84 13.43
C GLN A 31 2.12 4.19 13.42
N LYS A 32 1.69 4.92 14.45
CA LYS A 32 0.28 5.29 14.61
C LYS A 32 -0.17 6.25 13.52
N ALA A 33 0.61 7.32 13.34
CA ALA A 33 0.29 8.33 12.35
C ALA A 33 0.40 7.81 10.93
N CYS A 34 1.45 7.00 10.67
CA CYS A 34 1.70 6.51 9.31
C CYS A 34 0.74 5.39 8.91
N GLU A 35 0.45 4.50 9.87
CA GLU A 35 -0.42 3.37 9.61
C GLU A 35 -1.83 3.86 9.30
N SER A 36 -2.34 4.79 10.12
CA SER A 36 -3.69 5.31 9.93
C SER A 36 -3.81 6.07 8.62
N ARG A 37 -2.83 6.95 8.34
CA ARG A 37 -2.83 7.73 7.12
C ARG A 37 -2.70 6.83 5.91
N CYS A 38 -1.73 5.93 5.94
CA CYS A 38 -1.48 5.05 4.80
C CYS A 38 -2.67 4.14 4.51
N THR A 39 -3.32 3.64 5.56
CA THR A 39 -4.52 2.82 5.41
C THR A 39 -5.67 3.66 4.91
N LYS A 40 -5.69 4.94 5.33
CA LYS A 40 -6.70 5.85 4.87
C LYS A 40 -6.49 6.24 3.42
N LEU A 41 -5.22 6.39 3.03
CA LEU A 41 -4.87 6.80 1.67
C LEU A 41 -5.41 5.81 0.64
N GLU A 42 -5.26 4.50 0.94
CA GLU A 42 -5.71 3.44 0.03
C GLU A 42 -5.09 3.62 -1.40
N TYR A 43 -5.77 4.41 -2.26
CA TYR A 43 -5.27 4.68 -3.61
C TYR A 43 -4.41 5.95 -3.63
N ASP A 44 -3.28 5.89 -4.31
CA ASP A 44 -2.36 7.04 -4.40
C ASP A 44 -1.65 7.09 -5.77
N PRO A 45 -2.14 7.92 -6.74
CA PRO A 45 -1.48 8.05 -8.08
C PRO A 45 -0.10 8.71 -7.98
N ARG A 46 0.13 9.45 -6.87
CA ARG A 46 1.39 10.14 -6.63
C ARG A 46 2.55 9.16 -6.50
N CYS A 47 2.28 8.00 -5.87
CA CYS A 47 3.31 6.99 -5.60
C CYS A 47 3.64 6.12 -6.84
N VAL A 48 3.24 6.59 -8.05
CA VAL A 48 3.48 5.90 -9.36
C VAL A 48 4.52 4.75 -9.23
N TYR A 49 4.10 3.55 -9.62
CA TYR A 49 4.96 2.35 -9.52
C TYR A 49 5.89 2.16 -10.72
N ASP A 50 5.86 3.11 -11.68
CA ASP A 50 6.71 3.04 -12.87
C ASP A 50 8.23 2.96 -12.50
N PRO A 51 8.74 3.81 -11.57
CA PRO A 51 10.20 3.77 -11.17
C PRO A 51 10.63 2.41 -10.61
N ARG A 52 9.67 1.70 -10.01
CA ARG A 52 9.94 0.39 -9.39
C ARG A 52 10.44 -0.61 -10.42
N GLY A 53 9.87 -0.56 -11.63
CA GLY A 53 10.26 -1.47 -12.71
C GLY A 53 11.75 -1.32 -13.04
N HIS A 54 12.22 -0.06 -13.04
CA HIS A 54 13.63 0.23 -13.31
C HIS A 54 14.50 -0.21 -12.14
N THR A 55 15.71 -0.69 -12.44
CA THR A 55 16.65 -1.16 -11.41
C THR A 55 17.93 -0.32 -11.42
N GLY A 56 18.32 0.19 -10.25
CA GLY A 56 19.54 1.00 -10.11
C GLY A 56 20.74 0.09 -9.89
N THR A 57 21.92 0.72 -9.75
CA THR A 57 23.16 -0.02 -9.52
C THR A 57 23.78 0.37 -8.18
N THR A 58 24.12 1.65 -8.02
CA THR A 58 24.71 2.16 -6.79
C THR A 58 24.38 3.64 -6.57
N ASN A 59 24.37 4.06 -5.31
CA ASN A 59 24.07 5.45 -4.97
C ASN A 59 24.63 5.81 -3.59
N GLY A 1 -13.68 -20.59 -2.46
CA GLY A 1 -14.01 -20.39 -1.02
C GLY A 1 -15.47 -20.77 -0.77
N LYS A 2 -16.36 -20.31 -1.66
CA LYS A 2 -17.79 -20.60 -1.56
C LYS A 2 -18.34 -20.17 -0.18
N SER A 3 -18.13 -18.87 0.14
CA SER A 3 -18.59 -18.31 1.42
C SER A 3 -18.84 -16.81 1.29
N SER A 4 -19.61 -16.26 2.23
CA SER A 4 -19.94 -14.82 2.22
C SER A 4 -20.71 -14.44 0.93
N PRO A 5 -21.49 -13.34 0.92
CA PRO A 5 -22.29 -12.94 -0.29
C PRO A 5 -21.38 -12.59 -1.47
N TYR A 6 -20.17 -12.08 -1.18
CA TYR A 6 -19.21 -11.75 -2.22
C TYR A 6 -17.75 -11.88 -1.67
N GLN A 7 -17.20 -10.78 -1.11
CA GLN A 7 -15.85 -10.79 -0.55
C GLN A 7 -15.56 -9.52 0.26
N LYS A 8 -14.66 -9.63 1.23
CA LYS A 8 -14.27 -8.49 2.07
C LYS A 8 -12.81 -8.66 2.55
N LYS A 9 -11.88 -8.74 1.58
CA LYS A 9 -10.46 -8.90 1.89
C LYS A 9 -9.61 -7.93 1.07
N THR A 10 -8.49 -7.48 1.65
CA THR A 10 -7.59 -6.55 0.97
C THR A 10 -6.13 -6.89 1.29
N GLU A 11 -5.29 -6.89 0.25
CA GLU A 11 -3.87 -7.20 0.40
C GLU A 11 -3.04 -6.43 -0.65
N ASN A 12 -3.36 -5.14 -0.83
CA ASN A 12 -2.65 -4.31 -1.81
C ASN A 12 -1.16 -4.16 -1.41
N PRO A 13 -0.19 -4.45 -2.31
CA PRO A 13 1.27 -4.32 -2.00
C PRO A 13 1.65 -2.90 -1.58
N CYS A 14 1.03 -1.90 -2.20
CA CYS A 14 1.31 -0.49 -1.91
C CYS A 14 1.01 -0.14 -0.45
N ALA A 15 -0.18 -0.53 0.01
CA ALA A 15 -0.58 -0.29 1.41
C ALA A 15 0.35 -1.03 2.35
N GLN A 16 0.70 -2.26 1.96
CA GLN A 16 1.64 -3.07 2.72
C GLN A 16 3.00 -2.38 2.75
N ARG A 17 3.37 -1.76 1.62
CA ARG A 17 4.66 -1.07 1.50
C ARG A 17 4.75 0.08 2.52
N CYS A 18 3.68 0.88 2.59
CA CYS A 18 3.63 2.01 3.52
C CYS A 18 3.73 1.51 4.95
N LEU A 19 2.99 0.44 5.25
CA LEU A 19 3.04 -0.20 6.56
C LEU A 19 4.44 -0.73 6.86
N GLN A 20 5.10 -1.26 5.82
CA GLN A 20 6.44 -1.81 5.97
C GLN A 20 7.41 -0.74 6.46
N SER A 21 7.27 0.48 5.93
CA SER A 21 8.12 1.60 6.38
C SER A 21 7.83 1.93 7.84
N CYS A 22 6.55 1.83 8.22
CA CYS A 22 6.12 2.06 9.59
C CYS A 22 6.73 1.01 10.52
N GLN A 23 6.77 -0.25 10.05
CA GLN A 23 7.29 -1.36 10.86
C GLN A 23 8.76 -1.16 11.22
N GLN A 24 9.55 -0.71 10.25
CA GLN A 24 10.98 -0.49 10.46
C GLN A 24 11.25 0.73 11.35
N GLU A 25 10.29 1.67 11.45
CA GLU A 25 10.46 2.86 12.31
C GLU A 25 10.66 2.46 13.78
N PRO A 26 11.54 3.16 14.54
CA PRO A 26 11.76 2.87 15.99
C PRO A 26 10.64 3.42 16.88
N ASP A 27 9.72 4.23 16.30
CA ASP A 27 8.64 4.85 17.08
C ASP A 27 7.32 4.10 16.93
N ASP A 28 6.72 3.76 18.09
CA ASP A 28 5.43 3.07 18.10
C ASP A 28 4.30 4.05 17.80
N LEU A 29 4.38 5.25 18.37
CA LEU A 29 3.37 6.28 18.16
C LEU A 29 3.35 6.68 16.68
N LYS A 30 4.54 6.89 16.11
CA LYS A 30 4.67 7.24 14.69
C LYS A 30 4.12 6.09 13.84
N GLN A 31 4.38 4.86 14.29
CA GLN A 31 3.93 3.66 13.58
C GLN A 31 2.40 3.63 13.45
N LYS A 32 1.72 4.05 14.52
CA LYS A 32 0.25 4.05 14.56
C LYS A 32 -0.31 5.14 13.65
N ALA A 33 0.19 6.37 13.84
CA ALA A 33 -0.26 7.52 13.08
C ALA A 33 0.01 7.35 11.59
N CYS A 34 1.18 6.78 11.27
CA CYS A 34 1.55 6.58 9.86
C CYS A 34 0.72 5.48 9.20
N GLU A 35 0.32 4.47 9.99
CA GLU A 35 -0.52 3.39 9.48
C GLU A 35 -1.85 3.96 8.99
N SER A 36 -2.44 4.86 9.80
CA SER A 36 -3.67 5.55 9.42
C SER A 36 -3.43 6.39 8.17
N ARG A 37 -2.25 7.02 8.10
CA ARG A 37 -1.88 7.83 6.95
C ARG A 37 -1.82 6.96 5.70
N CYS A 38 -1.25 5.75 5.80
CA CYS A 38 -1.18 4.85 4.64
C CYS A 38 -2.61 4.57 4.14
N THR A 39 -3.50 4.33 5.09
CA THR A 39 -4.90 4.07 4.82
C THR A 39 -5.56 5.29 4.19
N LYS A 40 -5.25 6.46 4.73
CA LYS A 40 -5.85 7.68 4.26
C LYS A 40 -5.34 8.07 2.89
N LEU A 41 -4.05 7.82 2.65
CA LEU A 41 -3.43 8.14 1.38
C LEU A 41 -4.10 7.39 0.24
N GLU A 42 -4.45 6.12 0.50
CA GLU A 42 -5.15 5.29 -0.49
C GLU A 42 -4.40 5.29 -1.82
N TYR A 43 -3.43 4.37 -1.94
CA TYR A 43 -2.62 4.27 -3.15
C TYR A 43 -3.46 3.88 -4.35
N ASP A 44 -3.00 4.27 -5.54
CA ASP A 44 -3.74 4.05 -6.78
C ASP A 44 -3.84 2.55 -7.15
N PRO A 45 -4.88 2.14 -7.93
CA PRO A 45 -5.08 0.70 -8.33
C PRO A 45 -3.88 0.10 -9.08
N ARG A 46 -2.93 0.95 -9.48
CA ARG A 46 -1.76 0.50 -10.25
C ARG A 46 -0.97 -0.52 -9.44
N CYS A 47 -0.84 -0.28 -8.12
CA CYS A 47 -0.12 -1.19 -7.24
C CYS A 47 -0.86 -2.54 -7.09
N VAL A 48 -2.19 -2.51 -7.19
CA VAL A 48 -3.01 -3.71 -7.07
C VAL A 48 -2.68 -4.70 -8.22
N TYR A 49 -2.54 -4.16 -9.42
CA TYR A 49 -2.25 -4.97 -10.61
C TYR A 49 -0.94 -5.75 -10.44
N ASP A 50 -1.01 -7.07 -10.68
CA ASP A 50 0.16 -7.94 -10.59
C ASP A 50 0.91 -7.97 -11.94
N PRO A 51 2.25 -8.14 -11.96
CA PRO A 51 3.01 -8.16 -13.25
C PRO A 51 2.60 -9.36 -14.12
N ARG A 52 2.41 -10.52 -13.47
CA ARG A 52 1.99 -11.73 -14.17
C ARG A 52 0.52 -11.63 -14.61
N GLY A 53 -0.32 -11.04 -13.75
CA GLY A 53 -1.75 -10.92 -14.03
C GLY A 53 -2.40 -12.29 -14.18
N HIS A 54 -3.19 -12.45 -15.25
CA HIS A 54 -3.86 -13.73 -15.51
C HIS A 54 -2.87 -14.77 -16.04
N THR A 55 -3.20 -16.04 -15.82
CA THR A 55 -2.33 -17.15 -16.26
C THR A 55 -3.01 -17.97 -17.34
N GLY A 56 -2.22 -18.77 -18.07
CA GLY A 56 -2.75 -19.61 -19.15
C GLY A 56 -2.92 -18.82 -20.46
N THR A 57 -2.25 -17.66 -20.55
CA THR A 57 -2.31 -16.83 -21.76
C THR A 57 -0.91 -16.50 -22.26
N THR A 58 -0.82 -16.10 -23.53
CA THR A 58 0.48 -15.78 -24.14
C THR A 58 0.35 -14.67 -25.19
N ASN A 59 1.46 -13.97 -25.44
CA ASN A 59 1.49 -12.88 -26.42
C ASN A 59 2.89 -12.69 -26.97
N GLY A 1 9.53 27.05 -5.61
CA GLY A 1 8.66 27.29 -6.79
C GLY A 1 8.98 26.28 -7.89
N LYS A 2 9.08 25.00 -7.50
CA LYS A 2 9.37 23.92 -8.46
C LYS A 2 8.32 22.83 -8.39
N SER A 3 7.98 22.27 -9.55
CA SER A 3 7.00 21.19 -9.63
C SER A 3 7.62 19.87 -9.17
N SER A 4 6.77 18.95 -8.70
CA SER A 4 7.23 17.64 -8.24
C SER A 4 6.43 16.50 -8.92
N PRO A 5 7.04 15.32 -9.15
CA PRO A 5 6.35 14.18 -9.82
C PRO A 5 5.28 13.53 -8.94
N TYR A 6 4.22 13.01 -9.58
CA TYR A 6 3.14 12.33 -8.87
C TYR A 6 2.73 11.06 -9.60
N GLN A 7 2.66 11.15 -10.95
CA GLN A 7 2.34 9.99 -11.80
C GLN A 7 1.15 9.18 -11.21
N LYS A 8 0.94 7.96 -11.75
CA LYS A 8 -0.12 7.08 -11.28
C LYS A 8 0.47 5.78 -10.75
N LYS A 9 -0.12 5.27 -9.66
CA LYS A 9 0.35 4.02 -9.05
C LYS A 9 -0.02 2.82 -9.92
N THR A 10 0.81 1.79 -9.85
CA THR A 10 0.61 0.57 -10.63
C THR A 10 -0.13 -0.49 -9.80
N GLU A 11 -0.26 -1.71 -10.36
CA GLU A 11 -0.94 -2.81 -9.66
C GLU A 11 -0.22 -3.21 -8.34
N ASN A 12 0.97 -2.63 -8.11
CA ASN A 12 1.77 -2.94 -6.92
C ASN A 12 0.94 -2.89 -5.63
N PRO A 13 1.40 -3.54 -4.55
CA PRO A 13 0.76 -3.46 -3.24
C PRO A 13 1.43 -2.34 -2.40
N CYS A 14 1.11 -1.09 -2.74
CA CYS A 14 1.69 0.07 -2.05
C CYS A 14 1.36 0.03 -0.58
N ALA A 15 0.15 -0.41 -0.28
CA ALA A 15 -0.36 -0.42 1.10
C ALA A 15 0.51 -1.27 2.00
N GLN A 16 0.87 -2.50 1.56
CA GLN A 16 1.75 -3.34 2.38
C GLN A 16 3.17 -2.75 2.40
N ARG A 17 3.53 -1.99 1.33
CA ARG A 17 4.82 -1.32 1.26
C ARG A 17 4.91 -0.28 2.37
N CYS A 18 3.82 0.48 2.52
CA CYS A 18 3.72 1.48 3.57
C CYS A 18 3.78 0.82 4.95
N LEU A 19 3.08 -0.31 5.09
CA LEU A 19 3.03 -1.04 6.36
C LEU A 19 4.42 -1.46 6.82
N GLN A 20 5.24 -2.02 5.91
CA GLN A 20 6.61 -2.43 6.29
C GLN A 20 7.46 -1.21 6.64
N SER A 21 7.23 -0.10 5.92
CA SER A 21 7.92 1.16 6.21
C SER A 21 7.55 1.65 7.61
N CYS A 22 6.26 1.54 7.93
CA CYS A 22 5.75 1.97 9.22
C CYS A 22 6.46 1.17 10.32
N GLN A 23 6.65 -0.14 10.08
CA GLN A 23 7.34 -1.03 11.01
C GLN A 23 8.76 -0.58 11.27
N GLN A 24 9.41 -0.05 10.23
CA GLN A 24 10.80 0.39 10.32
C GLN A 24 10.93 1.59 11.27
N GLU A 25 9.87 2.42 11.37
CA GLU A 25 9.91 3.59 12.27
C GLU A 25 10.24 3.14 13.73
N PRO A 26 11.27 3.75 14.39
CA PRO A 26 11.67 3.37 15.80
C PRO A 26 10.54 3.53 16.84
N ASP A 27 9.71 4.58 16.68
CA ASP A 27 8.66 4.88 17.67
C ASP A 27 7.34 4.16 17.37
N ASP A 28 6.70 3.66 18.43
CA ASP A 28 5.41 2.97 18.31
C ASP A 28 4.31 3.95 17.94
N LEU A 29 4.38 5.16 18.51
CA LEU A 29 3.40 6.19 18.21
C LEU A 29 3.45 6.57 16.73
N LYS A 30 4.68 6.62 16.19
CA LYS A 30 4.87 6.90 14.77
C LYS A 30 4.23 5.82 13.91
N GLN A 31 4.31 4.56 14.38
CA GLN A 31 3.71 3.44 13.64
C GLN A 31 2.19 3.63 13.52
N LYS A 32 1.58 4.10 14.62
CA LYS A 32 0.13 4.29 14.67
C LYS A 32 -0.30 5.34 13.66
N ALA A 33 0.40 6.47 13.65
CA ALA A 33 0.15 7.54 12.70
C ALA A 33 0.47 7.10 11.28
N CYS A 34 1.55 6.32 11.15
CA CYS A 34 2.03 5.85 9.85
C CYS A 34 0.96 5.01 9.15
N GLU A 35 0.39 4.05 9.89
CA GLU A 35 -0.63 3.18 9.37
C GLU A 35 -1.86 4.00 8.96
N SER A 36 -2.25 4.93 9.83
CA SER A 36 -3.41 5.79 9.56
C SER A 36 -3.18 6.66 8.33
N ARG A 37 -1.95 7.16 8.17
CA ARG A 37 -1.62 8.04 7.06
C ARG A 37 -1.86 7.35 5.75
N CYS A 38 -1.32 6.14 5.58
CA CYS A 38 -1.52 5.38 4.32
C CYS A 38 -2.96 4.96 4.13
N THR A 39 -3.62 4.61 5.23
CA THR A 39 -5.02 4.27 5.22
C THR A 39 -5.82 5.46 4.70
N LYS A 40 -5.40 6.67 5.11
CA LYS A 40 -6.05 7.86 4.66
C LYS A 40 -5.53 8.33 3.29
N LEU A 41 -4.29 7.92 2.94
CA LEU A 41 -3.71 8.33 1.65
C LEU A 41 -4.61 7.88 0.50
N GLU A 42 -4.66 6.57 0.25
CA GLU A 42 -5.54 5.98 -0.81
C GLU A 42 -5.63 6.90 -2.06
N TYR A 43 -4.50 7.54 -2.42
CA TYR A 43 -4.46 8.47 -3.55
C TYR A 43 -4.84 7.73 -4.86
N ASP A 44 -4.20 6.58 -5.09
CA ASP A 44 -4.47 5.78 -6.29
C ASP A 44 -4.98 4.36 -5.94
N PRO A 45 -6.30 4.07 -6.07
CA PRO A 45 -6.87 2.71 -5.75
C PRO A 45 -6.19 1.59 -6.55
N ARG A 46 -5.46 1.95 -7.63
CA ARG A 46 -4.79 0.98 -8.49
C ARG A 46 -3.79 0.16 -7.67
N CYS A 47 -3.03 0.84 -6.79
CA CYS A 47 -2.04 0.16 -5.96
C CYS A 47 -2.72 -0.73 -4.88
N VAL A 48 -4.05 -0.66 -4.78
CA VAL A 48 -4.81 -1.45 -3.80
C VAL A 48 -5.77 -2.39 -4.55
N TYR A 49 -5.70 -3.68 -4.21
CA TYR A 49 -6.53 -4.69 -4.87
C TYR A 49 -8.02 -4.36 -4.70
N ASP A 50 -8.79 -4.60 -5.77
CA ASP A 50 -10.23 -4.27 -5.78
C ASP A 50 -11.00 -5.11 -4.70
N PRO A 51 -12.06 -4.53 -4.07
CA PRO A 51 -12.86 -5.25 -3.01
C PRO A 51 -13.79 -6.34 -3.58
N ARG A 52 -13.95 -6.36 -4.90
CA ARG A 52 -14.86 -7.33 -5.55
C ARG A 52 -14.15 -8.65 -5.91
N GLY A 53 -13.02 -8.92 -5.23
CA GLY A 53 -12.25 -10.14 -5.46
C GLY A 53 -12.86 -11.33 -4.71
N HIS A 54 -12.12 -12.43 -4.67
CA HIS A 54 -12.58 -13.64 -3.99
C HIS A 54 -12.82 -13.41 -2.50
N THR A 55 -13.63 -14.28 -1.89
CA THR A 55 -13.95 -14.18 -0.47
C THR A 55 -13.47 -15.43 0.27
N GLY A 56 -12.73 -15.22 1.36
CA GLY A 56 -12.20 -16.31 2.17
C GLY A 56 -12.38 -16.04 3.65
N THR A 57 -12.39 -17.10 4.45
CA THR A 57 -12.56 -16.98 5.90
C THR A 57 -11.78 -18.08 6.65
N THR A 58 -11.42 -17.80 7.91
CA THR A 58 -10.67 -18.75 8.73
C THR A 58 -11.06 -18.61 10.20
N ASN A 59 -10.90 -19.72 10.95
CA ASN A 59 -11.24 -19.74 12.38
C ASN A 59 -10.27 -20.63 13.14
N GLY A 1 12.09 -27.60 -18.23
CA GLY A 1 13.26 -28.00 -19.06
C GLY A 1 14.13 -26.78 -19.33
N LYS A 2 14.94 -26.41 -18.33
CA LYS A 2 15.83 -25.25 -18.45
C LYS A 2 15.04 -23.99 -18.82
N SER A 3 13.82 -23.88 -18.29
CA SER A 3 12.96 -22.73 -18.56
C SER A 3 12.34 -22.21 -17.27
N SER A 4 12.10 -20.89 -17.23
CA SER A 4 11.49 -20.24 -16.05
C SER A 4 10.35 -19.28 -16.50
N PRO A 5 9.26 -19.80 -17.12
CA PRO A 5 8.12 -18.94 -17.59
C PRO A 5 7.38 -18.28 -16.41
N TYR A 6 7.39 -18.95 -15.25
CA TYR A 6 6.74 -18.42 -14.06
C TYR A 6 7.68 -18.48 -12.86
N GLN A 7 7.70 -17.40 -12.08
CA GLN A 7 8.55 -17.32 -10.88
C GLN A 7 7.80 -16.65 -9.74
N LYS A 8 8.12 -17.07 -8.50
CA LYS A 8 7.50 -16.49 -7.31
C LYS A 8 8.11 -15.12 -6.99
N LYS A 9 7.24 -14.16 -6.67
CA LYS A 9 7.69 -12.79 -6.36
C LYS A 9 6.68 -12.07 -5.46
N THR A 10 7.09 -10.91 -4.94
CA THR A 10 6.23 -10.11 -4.08
C THR A 10 5.56 -8.99 -4.89
N GLU A 11 4.22 -8.97 -4.87
CA GLU A 11 3.45 -7.96 -5.60
C GLU A 11 2.39 -7.34 -4.67
N ASN A 12 2.83 -6.93 -3.48
CA ASN A 12 1.93 -6.33 -2.49
C ASN A 12 1.45 -4.95 -2.93
N PRO A 13 0.28 -4.49 -2.41
CA PRO A 13 -0.22 -3.12 -2.71
C PRO A 13 0.66 -2.07 -2.05
N CYS A 14 0.62 -0.87 -2.59
CA CYS A 14 1.43 0.23 -2.06
C CYS A 14 1.15 0.47 -0.56
N ALA A 15 -0.05 0.09 -0.11
CA ALA A 15 -0.45 0.29 1.29
C ALA A 15 0.31 -0.63 2.21
N GLN A 16 0.44 -1.88 1.80
CA GLN A 16 1.20 -2.85 2.56
C GLN A 16 2.66 -2.43 2.60
N ARG A 17 3.13 -1.82 1.50
CA ARG A 17 4.52 -1.35 1.41
C ARG A 17 4.77 -0.31 2.48
N CYS A 18 3.82 0.63 2.63
CA CYS A 18 3.92 1.65 3.67
C CYS A 18 3.93 0.99 5.05
N LEU A 19 3.07 -0.01 5.22
CA LEU A 19 2.97 -0.72 6.51
C LEU A 19 4.32 -1.26 6.94
N GLN A 20 5.05 -1.89 6.00
CA GLN A 20 6.37 -2.43 6.32
C GLN A 20 7.32 -1.32 6.74
N SER A 21 7.26 -0.21 6.01
CA SER A 21 8.10 0.97 6.32
C SER A 21 7.76 1.55 7.70
N CYS A 22 6.46 1.58 8.00
CA CYS A 22 5.95 2.13 9.25
C CYS A 22 6.51 1.30 10.42
N GLN A 23 6.54 -0.03 10.23
CA GLN A 23 7.06 -0.96 11.23
C GLN A 23 8.53 -0.71 11.50
N GLN A 24 9.26 -0.38 10.44
CA GLN A 24 10.69 -0.13 10.53
C GLN A 24 10.99 1.12 11.37
N GLU A 25 10.07 2.10 11.36
CA GLU A 25 10.25 3.33 12.14
C GLU A 25 10.44 3.00 13.65
N PRO A 26 11.47 3.55 14.34
CA PRO A 26 11.73 3.23 15.80
C PRO A 26 10.55 3.54 16.73
N ASP A 27 9.79 4.61 16.42
CA ASP A 27 8.70 5.04 17.31
C ASP A 27 7.40 4.27 17.06
N ASP A 28 6.82 3.75 18.16
CA ASP A 28 5.56 3.02 18.10
C ASP A 28 4.40 3.97 17.80
N LEU A 29 4.41 5.15 18.44
CA LEU A 29 3.36 6.14 18.26
C LEU A 29 3.35 6.61 16.82
N LYS A 30 4.54 6.85 16.25
CA LYS A 30 4.67 7.25 14.86
C LYS A 30 4.13 6.16 13.93
N GLN A 31 4.37 4.89 14.31
CA GLN A 31 3.88 3.74 13.55
C GLN A 31 2.34 3.78 13.48
N LYS A 32 1.72 4.11 14.60
CA LYS A 32 0.25 4.15 14.70
C LYS A 32 -0.31 5.16 13.67
N ALA A 33 0.25 6.36 13.70
CA ALA A 33 -0.10 7.41 12.75
C ALA A 33 0.28 7.02 11.33
N CYS A 34 1.42 6.33 11.22
CA CYS A 34 1.98 5.94 9.92
C CYS A 34 1.01 5.05 9.15
N GLU A 35 0.45 4.04 9.82
CA GLU A 35 -0.50 3.13 9.20
C GLU A 35 -1.77 3.88 8.79
N SER A 36 -2.30 4.69 9.72
CA SER A 36 -3.53 5.43 9.46
C SER A 36 -3.36 6.39 8.27
N ARG A 37 -2.22 7.08 8.23
CA ARG A 37 -1.94 8.02 7.15
C ARG A 37 -1.91 7.31 5.83
N CYS A 38 -1.16 6.22 5.73
CA CYS A 38 -1.07 5.45 4.48
C CYS A 38 -2.41 4.84 4.09
N THR A 39 -3.15 4.38 5.10
CA THR A 39 -4.48 3.85 4.91
C THR A 39 -5.36 4.94 4.29
N LYS A 40 -5.21 6.16 4.81
CA LYS A 40 -5.96 7.28 4.31
C LYS A 40 -5.45 7.73 2.94
N LEU A 41 -4.13 7.66 2.74
CA LEU A 41 -3.52 8.13 1.50
C LEU A 41 -4.16 7.47 0.29
N GLU A 42 -4.03 6.14 0.19
CA GLU A 42 -4.61 5.34 -0.90
C GLU A 42 -3.92 5.55 -2.27
N TYR A 43 -3.41 6.78 -2.54
CA TYR A 43 -2.78 7.09 -3.82
C TYR A 43 -1.26 7.08 -3.71
N ASP A 44 -0.63 6.06 -4.31
CA ASP A 44 0.82 5.94 -4.35
C ASP A 44 1.28 5.40 -5.73
N PRO A 45 2.54 5.66 -6.14
CA PRO A 45 3.04 5.21 -7.48
C PRO A 45 2.92 3.68 -7.69
N ARG A 46 3.21 2.89 -6.63
CA ARG A 46 3.15 1.43 -6.73
C ARG A 46 1.71 0.95 -6.99
N CYS A 47 0.74 1.53 -6.26
CA CYS A 47 -0.68 1.21 -6.48
C CYS A 47 -1.13 1.60 -7.88
N VAL A 48 -0.65 2.77 -8.34
CA VAL A 48 -1.00 3.27 -9.66
C VAL A 48 -0.18 2.55 -10.74
N TYR A 49 -0.87 2.03 -11.74
CA TYR A 49 -0.24 1.29 -12.83
C TYR A 49 0.90 2.09 -13.47
N ASP A 50 1.86 1.37 -14.08
CA ASP A 50 3.01 1.99 -14.72
C ASP A 50 2.61 2.70 -16.04
N PRO A 51 3.40 3.70 -16.52
CA PRO A 51 3.08 4.45 -17.78
C PRO A 51 3.25 3.59 -19.05
N ARG A 52 3.93 2.44 -18.91
CA ARG A 52 4.20 1.55 -20.04
C ARG A 52 2.89 1.04 -20.65
N GLY A 53 1.92 0.72 -19.77
CA GLY A 53 0.62 0.22 -20.22
C GLY A 53 0.79 -1.06 -21.03
N HIS A 54 0.13 -1.11 -22.20
CA HIS A 54 0.21 -2.28 -23.07
C HIS A 54 1.64 -2.50 -23.55
N THR A 55 2.08 -3.75 -23.51
CA THR A 55 3.44 -4.10 -23.94
C THR A 55 3.54 -5.56 -24.38
N GLY A 56 4.72 -5.96 -24.86
CA GLY A 56 4.95 -7.33 -25.31
C GLY A 56 4.41 -7.58 -26.73
N THR A 57 4.11 -6.49 -27.47
CA THR A 57 3.59 -6.60 -28.82
C THR A 57 4.62 -7.30 -29.71
N THR A 58 5.88 -6.88 -29.59
CA THR A 58 6.99 -7.48 -30.37
C THR A 58 6.62 -7.64 -31.86
N ASN A 59 5.74 -6.74 -32.35
CA ASN A 59 5.31 -6.78 -33.75
C ASN A 59 4.83 -5.39 -34.21
N GLY A 1 1.94 -24.81 -6.72
CA GLY A 1 0.86 -23.87 -7.16
C GLY A 1 1.00 -23.60 -8.65
N LYS A 2 -0.15 -23.43 -9.32
CA LYS A 2 -0.17 -23.14 -10.76
C LYS A 2 -1.42 -22.34 -11.14
N SER A 3 -1.31 -21.53 -12.20
CA SER A 3 -2.44 -20.71 -12.68
C SER A 3 -2.92 -19.74 -11.60
N SER A 4 -2.89 -18.44 -11.92
CA SER A 4 -3.34 -17.41 -10.97
C SER A 4 -4.35 -16.43 -11.63
N PRO A 5 -5.57 -16.90 -11.98
CA PRO A 5 -6.63 -16.01 -12.59
C PRO A 5 -7.01 -14.86 -11.66
N TYR A 6 -7.26 -13.68 -12.24
CA TYR A 6 -7.65 -12.51 -11.45
C TYR A 6 -8.45 -11.51 -12.28
N GLN A 7 -9.23 -10.67 -11.60
CA GLN A 7 -10.04 -9.65 -12.25
C GLN A 7 -10.15 -8.39 -11.39
N LYS A 8 -10.34 -7.23 -12.04
CA LYS A 8 -10.48 -5.92 -11.36
C LYS A 8 -9.16 -5.40 -10.77
N LYS A 9 -8.39 -6.29 -10.11
CA LYS A 9 -7.11 -5.91 -9.49
C LYS A 9 -7.32 -4.82 -8.43
N THR A 10 -7.46 -5.25 -7.17
CA THR A 10 -7.67 -4.34 -6.05
C THR A 10 -6.73 -4.66 -4.90
N GLU A 11 -6.65 -3.74 -3.93
CA GLU A 11 -5.76 -3.89 -2.77
C GLU A 11 -4.30 -3.78 -3.22
N ASN A 12 -3.91 -2.56 -3.60
CA ASN A 12 -2.55 -2.30 -4.09
C ASN A 12 -1.48 -2.64 -3.01
N PRO A 13 -0.26 -3.06 -3.42
CA PRO A 13 0.82 -3.42 -2.45
C PRO A 13 1.50 -2.20 -1.80
N CYS A 14 1.20 -1.00 -2.30
CA CYS A 14 1.84 0.22 -1.79
C CYS A 14 1.58 0.41 -0.32
N ALA A 15 0.33 0.19 0.10
CA ALA A 15 -0.01 0.34 1.51
C ALA A 15 0.79 -0.64 2.34
N GLN A 16 0.95 -1.85 1.83
CA GLN A 16 1.77 -2.85 2.47
C GLN A 16 3.22 -2.33 2.54
N ARG A 17 3.65 -1.64 1.46
CA ARG A 17 4.99 -1.08 1.38
C ARG A 17 5.19 -0.02 2.46
N CYS A 18 4.20 0.91 2.58
CA CYS A 18 4.29 1.97 3.58
C CYS A 18 4.30 1.39 5.02
N LEU A 19 3.61 0.24 5.19
CA LEU A 19 3.53 -0.45 6.47
C LEU A 19 4.90 -1.03 6.86
N GLN A 20 5.55 -1.67 5.88
CA GLN A 20 6.84 -2.32 6.12
C GLN A 20 7.89 -1.31 6.56
N SER A 21 7.88 -0.14 5.90
CA SER A 21 8.84 0.92 6.24
C SER A 21 8.58 1.46 7.66
N CYS A 22 7.30 1.63 7.97
CA CYS A 22 6.87 2.10 9.29
C CYS A 22 7.23 1.08 10.37
N GLN A 23 7.07 -0.20 10.04
CA GLN A 23 7.38 -1.29 10.95
C GLN A 23 8.85 -1.24 11.36
N GLN A 24 9.70 -0.89 10.39
CA GLN A 24 11.13 -0.79 10.64
C GLN A 24 11.44 0.38 11.60
N GLU A 25 10.63 1.45 11.53
CA GLU A 25 10.82 2.61 12.41
C GLU A 25 10.58 2.21 13.90
N PRO A 26 11.47 2.63 14.85
CA PRO A 26 11.32 2.26 16.31
C PRO A 26 10.19 3.03 17.01
N ASP A 27 9.69 4.11 16.37
CA ASP A 27 8.64 4.95 16.98
C ASP A 27 7.26 4.31 16.83
N ASP A 28 6.72 3.85 17.95
CA ASP A 28 5.38 3.25 17.99
C ASP A 28 4.33 4.28 17.62
N LEU A 29 4.50 5.50 18.15
CA LEU A 29 3.58 6.58 17.90
C LEU A 29 3.54 6.90 16.39
N LYS A 30 4.73 6.89 15.77
CA LYS A 30 4.83 7.14 14.34
C LYS A 30 4.03 6.08 13.56
N GLN A 31 4.10 4.83 14.04
CA GLN A 31 3.38 3.71 13.42
C GLN A 31 1.87 3.94 13.42
N LYS A 32 1.34 4.46 14.54
CA LYS A 32 -0.10 4.73 14.65
C LYS A 32 -0.52 5.74 13.59
N ALA A 33 0.26 6.81 13.48
CA ALA A 33 0.02 7.83 12.46
C ALA A 33 0.19 7.23 11.07
N CYS A 34 1.17 6.34 10.93
CA CYS A 34 1.47 5.70 9.64
C CYS A 34 0.28 4.90 9.12
N GLU A 35 -0.30 4.05 9.99
CA GLU A 35 -1.41 3.23 9.61
C GLU A 35 -2.59 4.09 9.19
N SER A 36 -2.87 5.14 9.97
CA SER A 36 -3.96 6.06 9.67
C SER A 36 -3.70 6.82 8.37
N ARG A 37 -2.44 7.19 8.14
CA ARG A 37 -2.07 7.93 6.93
C ARG A 37 -2.28 7.08 5.69
N CYS A 38 -1.77 5.84 5.70
CA CYS A 38 -1.93 4.95 4.54
C CYS A 38 -3.41 4.59 4.33
N THR A 39 -4.11 4.41 5.45
CA THR A 39 -5.54 4.14 5.43
C THR A 39 -6.28 5.33 4.83
N LYS A 40 -5.86 6.53 5.23
CA LYS A 40 -6.46 7.74 4.74
C LYS A 40 -6.12 7.95 3.27
N LEU A 41 -4.89 7.62 2.91
CA LEU A 41 -4.43 7.79 1.54
C LEU A 41 -5.22 6.91 0.57
N GLU A 42 -5.52 5.67 1.02
CA GLU A 42 -6.28 4.69 0.19
C GLU A 42 -5.87 4.73 -1.31
N TYR A 43 -6.58 5.54 -2.13
CA TYR A 43 -6.27 5.64 -3.55
C TYR A 43 -4.96 6.41 -3.73
N ASP A 44 -4.06 5.87 -4.54
CA ASP A 44 -2.76 6.51 -4.78
C ASP A 44 -2.15 6.04 -6.13
N PRO A 45 -2.31 6.81 -7.23
CA PRO A 45 -1.72 6.43 -8.55
C PRO A 45 -0.17 6.55 -8.55
N ARG A 46 0.36 7.30 -7.59
CA ARG A 46 1.82 7.51 -7.47
C ARG A 46 2.56 6.19 -7.19
N CYS A 47 1.83 5.19 -6.66
CA CYS A 47 2.43 3.89 -6.35
C CYS A 47 2.41 2.94 -7.57
N VAL A 48 1.93 3.43 -8.73
CA VAL A 48 1.81 2.64 -9.98
C VAL A 48 1.40 1.17 -9.72
N TYR A 49 0.12 0.87 -10.01
CA TYR A 49 -0.42 -0.47 -9.80
C TYR A 49 0.39 -1.50 -10.58
N ASP A 50 0.74 -2.59 -9.90
CA ASP A 50 1.52 -3.66 -10.51
C ASP A 50 0.58 -4.72 -11.18
N PRO A 51 0.61 -4.88 -12.53
CA PRO A 51 -0.31 -5.83 -13.25
C PRO A 51 -0.22 -7.28 -12.73
N ARG A 52 1.00 -7.73 -12.41
CA ARG A 52 1.20 -9.12 -11.94
C ARG A 52 0.57 -9.38 -10.57
N GLY A 53 0.28 -8.30 -9.82
CA GLY A 53 -0.32 -8.43 -8.48
C GLY A 53 -1.66 -9.14 -8.54
N HIS A 54 -1.92 -10.00 -7.54
CA HIS A 54 -3.17 -10.77 -7.48
C HIS A 54 -4.31 -9.93 -6.91
N THR A 55 -5.53 -10.49 -6.93
CA THR A 55 -6.72 -9.81 -6.42
C THR A 55 -7.20 -10.48 -5.13
N GLY A 56 -7.38 -9.66 -4.08
CA GLY A 56 -7.83 -10.17 -2.78
C GLY A 56 -7.92 -9.03 -1.76
N THR A 57 -8.29 -9.39 -0.52
CA THR A 57 -8.40 -8.39 0.56
C THR A 57 -7.23 -8.47 1.55
N THR A 58 -6.54 -9.63 1.57
CA THR A 58 -5.39 -9.83 2.46
C THR A 58 -4.22 -10.45 1.70
N ASN A 59 -3.02 -10.31 2.27
CA ASN A 59 -1.80 -10.85 1.65
C ASN A 59 -1.66 -10.38 0.21
#